data_2V3V
#
_entry.id   2V3V
#
_cell.length_a   106.566
_cell.length_b   106.566
_cell.length_c   135.479
_cell.angle_alpha   90.00
_cell.angle_beta   90.00
_cell.angle_gamma   120.00
#
_symmetry.space_group_name_H-M   'P 31 2 1'
#
loop_
_entity.id
_entity.type
_entity.pdbx_description
1 polymer 'PERIPLASMIC NITRATE REDUCTASE'
2 non-polymer 'IRON/SULFUR CLUSTER'
3 non-polymer 'MOLYBDENUM ATOM'
4 non-polymer '2-AMINO-5,6-DIMERCAPTO-7-METHYL-3,7,8A,9-TETRAHYDRO-8-OXA-1,3,9,10-TETRAAZA-ANTHRACEN-4-ONE GUANOSINE DINUCLEOTIDE'
5 non-polymer 'UNKNOWN ATOM OR ION'
6 non-polymer 'PERCHLORATE ION'
7 water water
#
_entity_poly.entity_id   1
_entity_poly.type   'polypeptide(L)'
_entity_poly.pdbx_seq_one_letter_code
;ADNRPEKWVKGVCRYCGTGCGVLVGVKDGKAVAIQGDPNNHNAGLLCLKGSLLIPVLNSKERVTQPLVRRHKGGKLEPVS
WDEALDLMASRFRSSIDMYGPNSVAWYGSGQCLTEESYVANKIFKGGFGTNNVDGNPRLCMASAVGGYVTSFGKDEPMGT
YADIDQATCFFIIGSNTSEAHPVLFRRIARRKQVEPGVKIIVADPRRTNTSRIADMHVAFRPGTDLAFMHSMAWVIINEE
LDNPRFWQRYVNFMDAEGKPSDFEGYKAFLENYRPEKVAEICRVPVEQIYGAARAFAESAATMSLWCMGINQRVQGVFAN
NLIHNLHLITGQICRPGATSFSLTGQPNACGGVRDGGALSHLLPAGRAIPNAKHRAEMEKLWGLPEGRIAPEPGYHTVAL
FEALGRGDVKCMIICETNPAHTLPNLNKVHKAMSHPESFIVCIEAFPDAVTLEYADLVLPPAFWCERDGVYGCGERRYSL
TEKAVDPPGQCRPTVNTLVEFARRAGVDPQLVNFRNAEDVWNEWRMVSKGTTYDFWGMTRERLRKESGLIWPCPSEDHPG
TSLRYVRGQDPCVPADHPDRFFFYGKPDGRAVIWMRPAKGAAEEPDAEYPLYLTSMRVIDHWHTATMTGKVPELQKANPI
AFVEINEEDAARTGIKHGDSVIVETRRDAMELPARVSDVCRPGLIAVPFFDPKKLVNKLFLDATDPVSREPEYKICAARV
RKA
;
_entity_poly.pdbx_strand_id   A
#
loop_
_chem_comp.id
_chem_comp.type
_chem_comp.name
_chem_comp.formula
LCP non-polymer 'PERCHLORATE ION' 'Cl O4 -1'
MGD non-polymer '2-AMINO-5,6-DIMERCAPTO-7-METHYL-3,7,8A,9-TETRAHYDRO-8-OXA-1,3,9,10-TETRAAZA-ANTHRACEN-4-ONE GUANOSINE DINUCLEOTIDE' 'C20 H26 N10 O13 P2 S2'
MO non-polymer 'MOLYBDENUM ATOM' Mo
SF4 non-polymer 'IRON/SULFUR CLUSTER' 'Fe4 S4'
UNX non-polymer 'UNKNOWN ATOM OR ION' ?
#
# COMPACT_ATOMS: atom_id res chain seq x y z
N ASN A 3 28.74 19.24 21.96
CA ASN A 3 28.56 18.85 20.52
C ASN A 3 27.35 17.92 20.35
N ARG A 4 26.83 17.82 19.11
CA ARG A 4 25.94 16.70 18.80
C ARG A 4 26.66 15.59 18.00
N PRO A 5 26.26 15.29 16.73
CA PRO A 5 26.54 13.90 16.34
C PRO A 5 28.02 13.57 16.16
N GLU A 6 28.45 12.45 16.74
CA GLU A 6 29.79 11.92 16.50
C GLU A 6 29.78 10.92 15.32
N LYS A 7 28.59 10.46 14.94
CA LYS A 7 28.44 9.39 13.96
C LYS A 7 27.12 9.53 13.23
N TRP A 8 27.13 9.19 11.93
CA TRP A 8 25.91 9.23 11.11
C TRP A 8 25.59 7.82 10.60
N VAL A 9 24.35 7.38 10.85
CA VAL A 9 23.94 6.01 10.50
C VAL A 9 22.88 6.00 9.38
N LYS A 10 23.20 5.33 8.27
CA LYS A 10 22.38 5.40 7.06
C LYS A 10 21.17 4.50 7.11
N GLY A 11 20.02 5.05 6.72
CA GLY A 11 18.80 4.29 6.67
C GLY A 11 17.71 4.90 5.82
N VAL A 12 16.47 4.68 6.24
CA VAL A 12 15.29 5.06 5.49
C VAL A 12 14.29 5.69 6.44
N CYS A 13 13.59 6.72 5.97
CA CYS A 13 12.45 7.30 6.69
C CYS A 13 11.41 6.25 7.08
N ARG A 14 10.84 6.44 8.26
CA ARG A 14 9.87 5.52 8.84
C ARG A 14 8.47 5.71 8.24
N TYR A 15 8.26 6.75 7.43
CA TYR A 15 6.92 7.05 6.91
C TYR A 15 6.69 6.59 5.45
N CYS A 16 6.33 7.48 4.54
CA CYS A 16 5.69 7.04 3.27
C CYS A 16 6.53 6.22 2.29
N GLY A 17 5.85 5.62 1.32
CA GLY A 17 6.51 4.83 0.27
C GLY A 17 7.36 5.60 -0.71
N THR A 18 7.45 6.92 -0.56
CA THR A 18 8.51 7.70 -1.26
C THR A 18 9.85 7.08 -0.89
N GLY A 19 10.00 6.66 0.36
CA GLY A 19 11.21 5.91 0.73
C GLY A 19 12.48 6.75 0.77
N CYS A 20 12.35 7.98 1.29
CA CYS A 20 13.49 8.88 1.44
C CYS A 20 14.53 8.28 2.35
N GLY A 21 15.76 8.18 1.84
CA GLY A 21 16.90 7.78 2.64
C GLY A 21 17.27 8.86 3.63
N VAL A 22 17.78 8.44 4.77
CA VAL A 22 17.94 9.28 5.94
C VAL A 22 19.33 9.03 6.56
N LEU A 23 19.88 10.02 7.26
CA LEU A 23 21.09 9.80 8.05
C LEU A 23 20.82 10.23 9.48
N VAL A 24 20.86 9.27 10.39
CA VAL A 24 20.57 9.50 11.80
C VAL A 24 21.88 9.81 12.54
N GLY A 25 21.95 11.00 13.16
CA GLY A 25 23.13 11.44 13.88
C GLY A 25 23.09 11.01 15.33
N VAL A 26 24.11 10.25 15.74
CA VAL A 26 24.12 9.69 17.10
C VAL A 26 25.27 10.24 17.94
N LYS A 27 25.01 10.44 19.22
CA LYS A 27 26.02 10.92 20.15
C LYS A 27 25.78 10.22 21.48
N ASP A 28 26.75 9.41 21.90
CA ASP A 28 26.69 8.68 23.18
C ASP A 28 25.51 7.71 23.30
N GLY A 29 25.18 7.06 22.17
CA GLY A 29 24.13 6.07 22.14
C GLY A 29 22.75 6.65 21.93
N LYS A 30 22.66 7.98 21.85
CA LYS A 30 21.39 8.66 21.66
C LYS A 30 21.37 9.40 20.32
N ALA A 31 20.24 9.29 19.61
CA ALA A 31 19.99 10.03 18.38
C ALA A 31 19.72 11.51 18.70
N VAL A 32 20.45 12.38 18.02
CA VAL A 32 20.43 13.80 18.36
C VAL A 32 20.03 14.67 17.16
N ALA A 33 20.15 14.11 15.96
CA ALA A 33 19.98 14.85 14.71
C ALA A 33 19.59 13.89 13.58
N ILE A 34 19.03 14.44 12.50
CA ILE A 34 18.68 13.67 11.31
C ILE A 34 18.84 14.57 10.08
N GLN A 35 19.30 13.98 8.99
CA GLN A 35 19.32 14.68 7.70
C GLN A 35 18.99 13.65 6.63
N GLY A 36 18.75 14.12 5.40
CA GLY A 36 18.47 13.25 4.27
C GLY A 36 19.78 12.66 3.79
N ASP A 37 19.71 11.41 3.32
CA ASP A 37 20.82 10.73 2.66
C ASP A 37 21.05 11.43 1.31
N PRO A 38 22.20 12.11 1.14
CA PRO A 38 22.45 12.78 -0.14
C PRO A 38 22.60 11.80 -1.31
N ASN A 39 22.80 10.52 -1.01
CA ASN A 39 23.12 9.55 -2.05
C ASN A 39 21.97 8.68 -2.47
N ASN A 40 20.85 8.79 -1.77
CA ASN A 40 19.61 8.12 -2.13
C ASN A 40 18.82 9.00 -3.13
N HIS A 41 17.74 8.47 -3.69
CA HIS A 41 16.99 9.16 -4.75
C HIS A 41 16.49 10.59 -4.38
N ASN A 42 16.23 10.82 -3.10
CA ASN A 42 15.71 12.08 -2.60
C ASN A 42 16.78 13.19 -2.52
N ALA A 43 18.04 12.83 -2.80
CA ALA A 43 19.17 13.74 -2.80
C ALA A 43 19.28 14.64 -1.54
N GLY A 44 19.10 14.02 -0.37
CA GLY A 44 19.28 14.72 0.89
C GLY A 44 18.07 15.49 1.38
N LEU A 45 16.97 15.41 0.64
CA LEU A 45 15.72 16.12 0.99
C LEU A 45 14.78 15.22 1.76
N LEU A 46 14.19 15.79 2.80
CA LEU A 46 13.10 15.15 3.58
C LEU A 46 11.98 16.17 3.71
N CYS A 47 10.76 15.69 3.91
CA CYS A 47 9.67 16.60 4.28
C CYS A 47 9.68 16.76 5.80
N LEU A 48 8.72 17.52 6.34
CA LEU A 48 8.78 17.91 7.74
C LEU A 48 8.60 16.72 8.67
N LYS A 49 7.75 15.77 8.28
CA LYS A 49 7.58 14.52 9.03
C LYS A 49 8.89 13.77 9.22
N GLY A 50 9.59 13.52 8.11
CA GLY A 50 10.92 12.87 8.14
C GLY A 50 11.92 13.65 8.98
N SER A 51 12.00 14.96 8.77
CA SER A 51 12.82 15.89 9.57
C SER A 51 12.55 15.89 11.08
N LEU A 52 11.33 15.52 11.49
CA LEU A 52 10.94 15.53 12.90
C LEU A 52 10.81 14.12 13.49
N LEU A 53 11.69 13.22 13.04
CA LEU A 53 11.65 11.82 13.44
C LEU A 53 12.45 11.49 14.69
N ILE A 54 13.39 12.35 15.09
CA ILE A 54 14.19 12.09 16.29
C ILE A 54 13.35 12.15 17.59
N PRO A 55 12.42 13.13 17.73
CA PRO A 55 11.54 13.07 18.91
C PRO A 55 10.56 11.88 19.03
N VAL A 56 10.24 11.23 17.90
CA VAL A 56 9.48 9.98 17.91
C VAL A 56 10.38 8.86 18.46
N LEU A 57 11.54 8.67 17.83
CA LEU A 57 12.57 7.74 18.29
C LEU A 57 12.98 7.95 19.76
N ASN A 58 12.96 9.19 20.25
CA ASN A 58 13.35 9.49 21.62
C ASN A 58 12.19 9.58 22.62
N SER A 59 10.96 9.40 22.15
CA SER A 59 9.80 9.38 23.04
C SER A 59 9.93 8.32 24.15
N LYS A 60 9.51 8.68 25.35
CA LYS A 60 9.45 7.74 26.48
C LYS A 60 8.11 7.00 26.58
N GLU A 61 7.11 7.47 25.83
CA GLU A 61 5.80 6.86 25.81
C GLU A 61 5.85 5.66 24.88
N ARG A 62 6.59 4.64 25.30
CA ARG A 62 6.77 3.38 24.58
C ARG A 62 6.35 2.15 25.42
N VAL A 63 5.92 1.10 24.72
CA VAL A 63 5.73 -0.25 25.27
C VAL A 63 7.11 -0.89 25.39
N THR A 64 7.58 -1.08 26.63
CA THR A 64 8.98 -1.50 26.88
C THR A 64 9.10 -2.82 27.69
N GLN A 65 7.98 -3.40 28.08
CA GLN A 65 7.98 -4.74 28.67
C GLN A 65 6.78 -5.55 28.17
N PRO A 66 6.86 -6.89 28.27
CA PRO A 66 5.70 -7.70 27.89
C PRO A 66 4.52 -7.49 28.85
N LEU A 67 3.31 -7.51 28.31
CA LEU A 67 2.08 -7.26 29.09
C LEU A 67 1.07 -8.36 28.80
N VAL A 68 0.30 -8.75 29.81
CA VAL A 68 -0.72 -9.79 29.66
C VAL A 68 -2.04 -9.25 30.22
N ARG A 69 -3.14 -9.55 29.56
CA ARG A 69 -4.46 -9.34 30.13
C ARG A 69 -4.95 -10.73 30.55
N ARG A 70 -5.00 -10.97 31.86
CA ARG A 70 -5.37 -12.29 32.42
C ARG A 70 -6.75 -12.71 31.93
N HIS A 71 -7.71 -11.77 31.92
CA HIS A 71 -9.07 -12.06 31.50
C HIS A 71 -9.61 -10.97 30.57
N LYS A 72 -10.56 -11.34 29.71
CA LYS A 72 -11.23 -10.36 28.83
C LYS A 72 -11.87 -9.24 29.61
N GLY A 73 -11.59 -8.00 29.20
CA GLY A 73 -12.10 -6.81 29.88
C GLY A 73 -11.37 -6.51 31.18
N GLY A 74 -10.18 -7.07 31.35
CA GLY A 74 -9.33 -6.80 32.50
C GLY A 74 -8.27 -5.79 32.12
N LYS A 75 -7.32 -5.59 33.02
CA LYS A 75 -6.25 -4.62 32.78
C LYS A 75 -5.00 -5.36 32.33
N LEU A 76 -4.32 -4.80 31.33
CA LEU A 76 -2.99 -5.24 30.96
C LEU A 76 -2.01 -5.07 32.14
N GLU A 77 -1.28 -6.14 32.49
CA GLU A 77 -0.29 -6.12 33.57
C GLU A 77 1.05 -6.71 33.11
N PRO A 78 2.18 -6.29 33.71
CA PRO A 78 3.49 -6.80 33.30
C PRO A 78 3.66 -8.31 33.49
N VAL A 79 4.50 -8.88 32.64
CA VAL A 79 4.70 -10.31 32.60
C VAL A 79 6.10 -10.49 32.00
N SER A 80 6.79 -11.57 32.35
CA SER A 80 8.16 -11.75 31.88
C SER A 80 8.17 -12.13 30.40
N TRP A 81 9.30 -11.90 29.74
CA TRP A 81 9.43 -12.30 28.34
C TRP A 81 9.28 -13.83 28.24
N ASP A 82 9.85 -14.53 29.21
CA ASP A 82 9.79 -15.98 29.25
C ASP A 82 8.38 -16.53 29.41
N GLU A 83 7.60 -15.93 30.31
CA GLU A 83 6.20 -16.31 30.50
C GLU A 83 5.36 -15.93 29.27
N ALA A 84 5.58 -14.74 28.72
CA ALA A 84 4.91 -14.29 27.49
C ALA A 84 5.11 -15.28 26.35
N LEU A 85 6.36 -15.66 26.12
CA LEU A 85 6.67 -16.53 25.00
C LEU A 85 6.10 -17.96 25.14
N ASP A 86 6.13 -18.54 26.35
CA ASP A 86 5.51 -19.85 26.59
C ASP A 86 3.99 -19.82 26.43
N LEU A 87 3.40 -18.75 26.96
CA LEU A 87 1.97 -18.48 26.86
C LEU A 87 1.54 -18.41 25.40
N MET A 88 2.33 -17.68 24.60
CA MET A 88 2.08 -17.50 23.18
C MET A 88 2.25 -18.81 22.41
N ALA A 89 3.33 -19.53 22.68
CA ALA A 89 3.67 -20.74 21.95
C ALA A 89 2.74 -21.92 22.30
N SER A 90 2.34 -21.99 23.56
CA SER A 90 1.46 -23.07 23.97
C SER A 90 0.04 -22.82 23.47
N ARG A 91 -0.41 -21.57 23.47
CA ARG A 91 -1.72 -21.23 22.93
C ARG A 91 -1.84 -21.57 21.46
N PHE A 92 -0.83 -21.17 20.68
CA PHE A 92 -0.81 -21.42 19.25
C PHE A 92 -0.68 -22.90 18.91
N ARG A 93 0.23 -23.58 19.60
CA ARG A 93 0.40 -25.02 19.44
C ARG A 93 -0.85 -25.82 19.78
N SER A 94 -1.47 -25.51 20.91
CA SER A 94 -2.60 -26.32 21.38
CA SER A 94 -2.60 -26.31 21.39
C SER A 94 -3.87 -26.00 20.60
N SER A 95 -3.92 -24.83 19.98
CA SER A 95 -5.06 -24.45 19.14
C SER A 95 -5.01 -25.26 17.85
N ILE A 96 -3.81 -25.41 17.30
CA ILE A 96 -3.53 -26.29 16.18
C ILE A 96 -3.82 -27.74 16.57
N ASP A 97 -3.37 -28.15 17.75
CA ASP A 97 -3.62 -29.50 18.27
C ASP A 97 -5.10 -29.85 18.28
N MET A 98 -5.93 -28.90 18.71
CA MET A 98 -7.36 -29.11 18.90
C MET A 98 -8.15 -28.91 17.62
N TYR A 99 -7.83 -27.85 16.89
CA TYR A 99 -8.68 -27.36 15.80
C TYR A 99 -8.02 -27.33 14.43
N GLY A 100 -6.76 -27.71 14.34
CA GLY A 100 -6.06 -27.63 13.06
C GLY A 100 -5.44 -26.26 12.78
N PRO A 101 -4.48 -26.19 11.84
CA PRO A 101 -3.70 -24.97 11.52
C PRO A 101 -4.48 -23.73 11.08
N ASN A 102 -5.74 -23.91 10.66
CA ASN A 102 -6.52 -22.79 10.19
CA ASN A 102 -6.61 -22.85 10.18
C ASN A 102 -7.21 -22.03 11.32
N SER A 103 -6.99 -22.48 12.56
CA SER A 103 -7.46 -21.75 13.75
C SER A 103 -6.52 -20.60 14.18
N VAL A 104 -5.37 -20.50 13.52
CA VAL A 104 -4.33 -19.49 13.79
C VAL A 104 -4.06 -18.58 12.56
N ALA A 105 -3.61 -17.33 12.81
CA ALA A 105 -3.40 -16.35 11.75
C ALA A 105 -2.35 -15.30 12.10
N TRP A 106 -1.65 -14.83 11.08
CA TRP A 106 -0.75 -13.69 11.18
C TRP A 106 -1.38 -12.53 10.43
N TYR A 107 -1.47 -11.38 11.11
CA TYR A 107 -1.91 -10.13 10.49
C TYR A 107 -0.83 -9.03 10.57
N GLY A 108 -0.03 -8.85 9.50
CA GLY A 108 1.15 -7.98 9.57
C GLY A 108 1.03 -6.69 8.77
N SER A 109 2.16 -6.16 8.32
CA SER A 109 2.09 -4.87 7.62
C SER A 109 3.25 -4.53 6.72
N GLY A 110 3.00 -3.58 5.80
CA GLY A 110 4.03 -2.97 4.97
C GLY A 110 4.95 -1.99 5.71
N GLN A 111 4.80 -1.89 7.02
CA GLN A 111 5.75 -1.17 7.88
C GLN A 111 6.75 -2.09 8.56
N CYS A 112 6.45 -3.40 8.59
CA CYS A 112 7.39 -4.40 9.09
C CYS A 112 8.58 -4.42 8.15
N LEU A 113 9.76 -4.68 8.72
CA LEU A 113 10.95 -4.94 7.92
C LEU A 113 10.71 -6.16 7.02
N THR A 114 11.33 -6.14 5.84
CA THR A 114 11.20 -7.27 4.91
C THR A 114 11.49 -8.62 5.59
N GLU A 115 12.48 -8.63 6.50
CA GLU A 115 12.97 -9.84 7.16
C GLU A 115 12.00 -10.40 8.21
N GLU A 116 11.30 -9.49 8.90
CA GLU A 116 10.24 -9.86 9.84
C GLU A 116 9.07 -10.52 9.13
N SER A 117 8.63 -9.91 8.01
CA SER A 117 7.52 -10.43 7.23
C SER A 117 7.85 -11.75 6.58
N TYR A 118 9.10 -11.90 6.18
CA TYR A 118 9.59 -13.13 5.59
C TYR A 118 9.57 -14.28 6.60
N VAL A 119 10.05 -14.03 7.82
CA VAL A 119 10.07 -15.06 8.85
C VAL A 119 8.64 -15.42 9.27
N ALA A 120 7.81 -14.42 9.50
CA ALA A 120 6.41 -14.68 9.85
C ALA A 120 5.65 -15.50 8.79
N ASN A 121 5.74 -15.06 7.54
CA ASN A 121 5.14 -15.74 6.41
C ASN A 121 5.50 -17.22 6.40
N LYS A 122 6.81 -17.49 6.53
CA LYS A 122 7.39 -18.84 6.56
C LYS A 122 6.99 -19.72 7.77
N ILE A 123 6.93 -19.12 8.96
CA ILE A 123 6.53 -19.87 10.17
C ILE A 123 5.12 -20.38 9.95
N PHE A 124 4.25 -19.54 9.40
CA PHE A 124 2.85 -19.92 9.22
C PHE A 124 2.57 -20.84 8.04
N LYS A 125 3.11 -20.51 6.87
CA LYS A 125 2.81 -21.30 5.68
C LYS A 125 3.60 -22.60 5.66
N GLY A 126 4.83 -22.53 6.10
CA GLY A 126 5.70 -23.70 6.09
C GLY A 126 5.87 -24.41 7.42
N GLY A 127 5.67 -23.71 8.53
CA GLY A 127 5.83 -24.33 9.83
C GLY A 127 4.52 -24.88 10.29
N PHE A 128 3.53 -24.02 10.45
CA PHE A 128 2.21 -24.44 10.89
C PHE A 128 1.37 -25.14 9.81
N GLY A 129 1.63 -24.84 8.54
CA GLY A 129 0.84 -25.40 7.44
C GLY A 129 -0.48 -24.66 7.18
N THR A 130 -0.52 -23.37 7.48
CA THR A 130 -1.70 -22.55 7.21
C THR A 130 -1.34 -21.35 6.35
N ASN A 131 -2.23 -20.97 5.44
CA ASN A 131 -2.02 -19.80 4.59
C ASN A 131 -2.74 -18.56 5.14
N ASN A 132 -3.17 -18.61 6.40
CA ASN A 132 -3.65 -17.44 7.10
C ASN A 132 -2.53 -16.41 7.42
N VAL A 133 -1.95 -15.83 6.37
CA VAL A 133 -0.98 -14.76 6.48
C VAL A 133 -1.54 -13.66 5.61
N ASP A 134 -1.93 -12.57 6.25
CA ASP A 134 -2.30 -11.39 5.49
C ASP A 134 -1.73 -10.12 6.17
N GLY A 135 -2.18 -8.95 5.75
CA GLY A 135 -1.71 -7.73 6.37
C GLY A 135 -2.31 -6.51 5.69
N ASN A 136 -1.96 -5.33 6.20
CA ASN A 136 -2.62 -4.10 5.81
C ASN A 136 -2.43 -3.67 4.36
N PRO A 137 -1.38 -4.14 3.64
CA PRO A 137 -1.41 -3.74 2.24
C PRO A 137 -2.65 -4.23 1.48
N ARG A 138 -3.31 -5.30 1.96
CA ARG A 138 -4.63 -5.70 1.46
C ARG A 138 -5.58 -4.50 1.39
N LEU A 139 -5.31 -3.51 2.23
CA LEU A 139 -6.19 -2.38 2.45
C LEU A 139 -5.80 -1.20 1.59
N CYS A 140 -4.84 -1.44 0.73
CA CYS A 140 -4.12 -0.36 0.16
C CYS A 140 -3.72 -0.72 -1.24
N MET A 141 -2.77 -1.65 -1.38
CA MET A 141 -2.09 -1.84 -2.69
C MET A 141 -2.59 -3.05 -3.49
N ALA A 142 -3.46 -3.84 -2.89
CA ALA A 142 -4.01 -5.06 -3.49
C ALA A 142 -4.62 -4.83 -4.88
N SER A 143 -5.26 -3.69 -5.09
CA SER A 143 -5.90 -3.40 -6.38
C SER A 143 -4.86 -3.08 -7.46
N ALA A 144 -3.79 -2.40 -7.08
CA ALA A 144 -2.64 -2.16 -8.01
C ALA A 144 -1.81 -3.40 -8.37
N VAL A 145 -1.76 -4.34 -7.44
CA VAL A 145 -1.14 -5.62 -7.70
C VAL A 145 -1.97 -6.36 -8.74
N GLY A 146 -3.28 -6.45 -8.50
CA GLY A 146 -4.20 -7.05 -9.46
C GLY A 146 -4.21 -6.36 -10.81
N GLY A 147 -4.19 -5.02 -10.79
CA GLY A 147 -4.09 -4.25 -12.01
C GLY A 147 -2.83 -4.55 -12.78
N TYR A 148 -1.69 -4.59 -12.11
CA TYR A 148 -0.42 -4.89 -12.82
C TYR A 148 -0.30 -6.31 -13.36
N VAL A 149 -0.75 -7.27 -12.55
CA VAL A 149 -0.69 -8.70 -12.92
C VAL A 149 -1.59 -9.00 -14.10
N THR A 150 -2.84 -8.53 -14.06
CA THR A 150 -3.75 -8.73 -15.19
C THR A 150 -3.35 -8.01 -16.49
N SER A 151 -2.78 -6.80 -16.37
CA SER A 151 -2.29 -6.04 -17.53
C SER A 151 -0.92 -6.51 -18.05
N PHE A 152 -0.01 -6.90 -17.16
CA PHE A 152 1.37 -7.17 -17.53
C PHE A 152 1.89 -8.53 -17.18
N GLY A 153 1.17 -9.23 -16.31
CA GLY A 153 1.53 -10.57 -15.84
C GLY A 153 2.52 -10.62 -14.68
N LYS A 154 3.05 -9.46 -14.29
CA LYS A 154 3.94 -9.35 -13.14
C LYS A 154 3.51 -8.12 -12.34
N ASP A 155 3.78 -8.14 -11.05
CA ASP A 155 3.49 -6.98 -10.20
C ASP A 155 4.59 -5.92 -10.33
N GLU A 156 4.28 -4.72 -9.81
CA GLU A 156 5.21 -3.61 -9.59
C GLU A 156 5.44 -2.74 -10.83
N PRO A 157 5.71 -1.42 -10.62
CA PRO A 157 5.94 -0.48 -11.72
C PRO A 157 7.05 -0.94 -12.60
N MET A 158 6.97 -0.60 -13.89
CA MET A 158 8.04 -0.95 -14.84
C MET A 158 9.07 0.16 -15.01
N GLY A 159 8.78 1.32 -14.42
CA GLY A 159 9.73 2.43 -14.38
C GLY A 159 10.09 2.77 -12.95
N THR A 160 10.65 3.97 -12.74
CA THR A 160 11.26 4.39 -11.44
C THR A 160 10.95 5.87 -11.20
N TYR A 161 11.30 6.40 -10.01
CA TYR A 161 11.12 7.84 -9.75
C TYR A 161 11.92 8.71 -10.73
N ALA A 162 13.01 8.17 -11.25
CA ALA A 162 13.78 8.89 -12.25
C ALA A 162 12.93 9.38 -13.43
N ASP A 163 11.80 8.70 -13.68
CA ASP A 163 11.02 9.02 -14.87
C ASP A 163 10.31 10.38 -14.73
N ILE A 164 10.12 10.82 -13.50
CA ILE A 164 9.54 12.12 -13.19
C ILE A 164 10.36 13.24 -13.85
N ASP A 165 11.68 13.07 -13.90
CA ASP A 165 12.57 14.06 -14.44
C ASP A 165 12.49 14.17 -15.96
N GLN A 166 11.80 13.23 -16.58
CA GLN A 166 11.78 13.20 -18.02
C GLN A 166 10.40 13.21 -18.65
N ALA A 167 9.39 13.07 -17.81
CA ALA A 167 8.00 13.18 -18.22
C ALA A 167 7.67 14.56 -18.74
N THR A 168 6.80 14.58 -19.74
CA THR A 168 6.39 15.78 -20.41
C THR A 168 4.90 16.06 -20.07
N CYS A 169 4.23 15.04 -19.54
CA CYS A 169 2.84 15.15 -19.09
C CYS A 169 2.76 14.24 -17.89
N PHE A 170 2.06 14.71 -16.84
CA PHE A 170 1.70 13.91 -15.68
C PHE A 170 0.21 13.76 -15.64
N PHE A 171 -0.27 12.52 -15.54
CA PHE A 171 -1.68 12.23 -15.31
C PHE A 171 -1.85 11.68 -13.86
N ILE A 172 -2.24 12.57 -12.93
CA ILE A 172 -2.22 12.25 -11.50
C ILE A 172 -3.66 12.09 -11.01
N ILE A 173 -4.05 10.85 -10.66
CA ILE A 173 -5.48 10.56 -10.40
C ILE A 173 -5.67 9.73 -9.11
N GLY A 174 -6.59 10.16 -8.25
CA GLY A 174 -6.77 9.48 -6.96
C GLY A 174 -5.52 9.57 -6.08
N SER A 175 -4.91 10.74 -6.05
CA SER A 175 -3.63 10.92 -5.39
C SER A 175 -3.52 12.37 -4.88
N ASN A 176 -3.41 12.56 -3.57
CA ASN A 176 -3.02 13.85 -3.01
C ASN A 176 -1.54 13.80 -2.77
N THR A 177 -0.76 13.87 -3.85
CA THR A 177 0.69 13.68 -3.77
C THR A 177 1.33 14.70 -2.84
N SER A 178 0.76 15.91 -2.82
CA SER A 178 1.28 17.01 -1.99
C SER A 178 1.33 16.64 -0.53
N GLU A 179 0.20 16.14 0.00
CA GLU A 179 0.10 15.73 1.39
C GLU A 179 0.62 14.30 1.65
N ALA A 180 0.54 13.40 0.67
CA ALA A 180 0.85 11.97 0.91
C ALA A 180 2.23 11.52 0.48
N HIS A 181 2.81 12.20 -0.50
CA HIS A 181 4.17 11.87 -0.93
C HIS A 181 5.01 13.15 -1.07
N PRO A 182 5.13 13.93 0.03
CA PRO A 182 5.61 15.30 -0.15
C PRO A 182 6.85 15.50 -1.01
N VAL A 183 7.93 14.77 -0.79
CA VAL A 183 9.20 14.98 -1.51
C VAL A 183 9.08 14.60 -2.99
N LEU A 184 8.19 13.67 -3.28
CA LEU A 184 7.93 13.19 -4.62
C LEU A 184 7.16 14.27 -5.43
N PHE A 185 6.12 14.82 -4.81
CA PHE A 185 5.38 15.95 -5.36
C PHE A 185 6.32 17.12 -5.68
N ARG A 186 7.30 17.38 -4.80
CA ARG A 186 8.31 18.42 -5.06
C ARG A 186 9.15 18.11 -6.30
N ARG A 187 9.48 16.84 -6.48
CA ARG A 187 10.17 16.42 -7.69
C ARG A 187 9.33 16.66 -8.99
N ILE A 188 8.02 16.46 -8.90
CA ILE A 188 7.12 16.72 -10.01
C ILE A 188 7.05 18.25 -10.30
N ALA A 189 6.76 19.05 -9.26
CA ALA A 189 6.76 20.53 -9.32
C ALA A 189 8.04 21.07 -9.91
N ARG A 190 9.17 20.57 -9.43
CA ARG A 190 10.47 20.86 -9.97
C ARG A 190 10.59 20.61 -11.49
N ARG A 191 10.12 19.45 -11.96
CA ARG A 191 10.08 19.13 -13.39
C ARG A 191 9.34 20.20 -14.22
N LYS A 192 8.18 20.60 -13.73
CA LYS A 192 7.33 21.64 -14.30
C LYS A 192 8.00 23.04 -14.26
N GLN A 193 8.87 23.30 -13.28
CA GLN A 193 9.61 24.55 -13.21
C GLN A 193 10.76 24.57 -14.19
N VAL A 194 11.41 23.42 -14.36
CA VAL A 194 12.51 23.28 -15.30
C VAL A 194 12.01 23.42 -16.76
N GLU A 195 10.91 22.74 -17.03
CA GLU A 195 10.24 22.82 -18.30
C GLU A 195 8.80 23.27 -18.05
N PRO A 196 8.52 24.59 -18.19
CA PRO A 196 7.15 25.05 -17.98
C PRO A 196 6.14 24.50 -19.02
N GLY A 197 6.63 23.98 -20.15
CA GLY A 197 5.79 23.26 -21.14
C GLY A 197 5.16 21.94 -20.69
N VAL A 198 5.66 21.39 -19.57
CA VAL A 198 5.14 20.18 -18.93
C VAL A 198 3.68 20.40 -18.53
N LYS A 199 2.81 19.43 -18.83
CA LYS A 199 1.38 19.53 -18.53
C LYS A 199 1.03 18.61 -17.37
N ILE A 200 0.15 19.06 -16.47
CA ILE A 200 -0.18 18.27 -15.31
C ILE A 200 -1.69 18.29 -15.21
N ILE A 201 -2.27 17.09 -15.19
CA ILE A 201 -3.71 16.91 -15.01
C ILE A 201 -3.85 16.19 -13.68
N VAL A 202 -4.58 16.80 -12.75
CA VAL A 202 -4.86 16.21 -11.47
C VAL A 202 -6.36 15.92 -11.48
N ALA A 203 -6.70 14.64 -11.26
CA ALA A 203 -8.05 14.16 -11.37
C ALA A 203 -8.46 13.56 -10.04
N ASP A 204 -9.25 14.31 -9.30
CA ASP A 204 -9.57 14.00 -7.90
C ASP A 204 -10.86 14.77 -7.60
N PRO A 205 -11.88 14.10 -7.02
CA PRO A 205 -13.09 14.87 -6.63
C PRO A 205 -12.83 16.05 -5.69
N ARG A 206 -11.71 16.05 -4.99
CA ARG A 206 -11.31 17.14 -4.09
C ARG A 206 -10.22 17.96 -4.73
N ARG A 207 -10.20 19.23 -4.38
CA ARG A 207 -9.24 20.18 -4.90
C ARG A 207 -8.22 20.42 -3.79
N THR A 208 -7.05 19.82 -3.94
CA THR A 208 -6.03 19.80 -2.90
C THR A 208 -4.86 20.64 -3.35
N ASN A 209 -3.88 20.84 -2.47
CA ASN A 209 -2.69 21.52 -2.79
CA ASN A 209 -2.66 21.59 -2.86
C ASN A 209 -2.01 21.00 -4.10
N THR A 210 -2.22 19.71 -4.36
CA THR A 210 -1.72 19.00 -5.56
C THR A 210 -2.23 19.62 -6.86
N SER A 211 -3.48 20.05 -6.86
CA SER A 211 -4.10 20.65 -8.05
C SER A 211 -3.54 22.04 -8.32
N ARG A 212 -2.86 22.63 -7.33
CA ARG A 212 -2.41 24.04 -7.48
C ARG A 212 -1.23 24.18 -8.43
N ILE A 213 -0.62 23.05 -8.81
CA ILE A 213 0.41 23.09 -9.86
C ILE A 213 -0.10 22.52 -11.17
N ALA A 214 -1.36 22.11 -11.20
CA ALA A 214 -1.91 21.49 -12.41
C ALA A 214 -2.37 22.51 -13.43
N ASP A 215 -2.33 22.11 -14.71
CA ASP A 215 -2.96 22.85 -15.79
C ASP A 215 -4.44 22.60 -15.87
N MET A 216 -4.88 21.45 -15.35
CA MET A 216 -6.29 21.08 -15.37
C MET A 216 -6.61 20.28 -14.11
N HIS A 217 -7.67 20.67 -13.41
CA HIS A 217 -8.13 19.90 -12.28
C HIS A 217 -9.51 19.34 -12.61
N VAL A 218 -9.56 18.01 -12.78
CA VAL A 218 -10.79 17.30 -13.09
C VAL A 218 -11.40 16.83 -11.78
N ALA A 219 -12.39 17.58 -11.34
CA ALA A 219 -13.14 17.28 -10.12
C ALA A 219 -14.36 16.41 -10.42
N PHE A 220 -14.13 15.18 -10.90
CA PHE A 220 -15.27 14.29 -11.24
C PHE A 220 -16.03 13.78 -10.02
N ARG A 221 -17.29 13.39 -10.24
CA ARG A 221 -18.12 12.74 -9.25
C ARG A 221 -17.49 11.41 -8.81
N PRO A 222 -17.47 11.14 -7.50
CA PRO A 222 -16.85 9.90 -7.01
C PRO A 222 -17.38 8.66 -7.74
N GLY A 223 -16.47 7.82 -8.22
CA GLY A 223 -16.85 6.55 -8.82
C GLY A 223 -16.88 6.49 -10.33
N THR A 224 -16.85 7.68 -10.95
CA THR A 224 -17.07 7.84 -12.40
C THR A 224 -15.77 8.01 -13.16
N ASP A 225 -14.62 7.82 -12.50
CA ASP A 225 -13.33 7.91 -13.22
C ASP A 225 -13.09 6.82 -14.27
N LEU A 226 -13.66 5.65 -14.08
CA LEU A 226 -13.55 4.61 -15.11
C LEU A 226 -14.18 5.05 -16.46
N ALA A 227 -15.42 5.59 -16.39
CA ALA A 227 -16.05 6.18 -17.58
C ALA A 227 -15.18 7.32 -18.12
N PHE A 228 -14.63 8.16 -17.24
CA PHE A 228 -13.72 9.22 -17.65
C PHE A 228 -12.53 8.68 -18.46
N MET A 229 -11.93 7.59 -17.99
CA MET A 229 -10.72 7.07 -18.62
C MET A 229 -11.01 6.30 -19.91
N HIS A 230 -12.17 5.65 -19.98
CA HIS A 230 -12.64 5.07 -21.26
C HIS A 230 -12.86 6.18 -22.30
N SER A 231 -13.45 7.29 -21.84
CA SER A 231 -13.71 8.44 -22.71
C SER A 231 -12.43 9.10 -23.24
N MET A 232 -11.37 9.16 -22.43
CA MET A 232 -10.05 9.60 -22.92
C MET A 232 -9.50 8.67 -24.00
N ALA A 233 -9.56 7.36 -23.77
CA ALA A 233 -9.25 6.38 -24.83
C ALA A 233 -10.09 6.59 -26.13
N TRP A 234 -11.37 6.95 -25.99
CA TRP A 234 -12.23 7.30 -27.13
C TRP A 234 -11.66 8.45 -27.96
N VAL A 235 -11.36 9.58 -27.30
CA VAL A 235 -10.73 10.73 -27.94
C VAL A 235 -9.40 10.36 -28.60
N ILE A 236 -8.59 9.60 -27.88
CA ILE A 236 -7.26 9.24 -28.36
C ILE A 236 -7.38 8.50 -29.66
N ILE A 237 -8.30 7.52 -29.73
CA ILE A 237 -8.50 6.73 -30.95
C ILE A 237 -9.22 7.53 -32.04
N ASN A 238 -10.22 8.30 -31.64
CA ASN A 238 -11.00 9.10 -32.60
C ASN A 238 -10.15 10.13 -33.34
N GLU A 239 -9.18 10.71 -32.65
CA GLU A 239 -8.35 11.76 -33.20
C GLU A 239 -7.01 11.24 -33.71
N GLU A 240 -6.92 9.91 -33.87
CA GLU A 240 -5.77 9.24 -34.46
C GLU A 240 -4.49 9.61 -33.70
N LEU A 241 -4.62 9.65 -32.38
CA LEU A 241 -3.49 9.95 -31.50
C LEU A 241 -2.88 8.68 -30.89
N ASP A 242 -3.35 7.51 -31.35
CA ASP A 242 -2.88 6.23 -30.82
C ASP A 242 -1.64 5.76 -31.57
N ASN A 243 -1.12 4.62 -31.16
CA ASN A 243 0.21 4.15 -31.55
C ASN A 243 0.11 2.72 -32.09
N PRO A 244 -0.44 2.54 -33.32
CA PRO A 244 -0.62 1.23 -33.92
C PRO A 244 0.67 0.39 -34.04
N ARG A 245 1.80 1.03 -34.30
CA ARG A 245 3.08 0.29 -34.37
C ARG A 245 3.40 -0.37 -33.04
N PHE A 246 2.95 0.26 -31.95
CA PHE A 246 3.14 -0.33 -30.65
C PHE A 246 2.07 -1.36 -30.35
N TRP A 247 0.79 -0.98 -30.38
CA TRP A 247 -0.21 -1.93 -29.92
C TRP A 247 -0.35 -3.14 -30.84
N GLN A 248 0.02 -3.02 -32.11
CA GLN A 248 -0.12 -4.14 -33.06
C GLN A 248 0.87 -5.28 -32.80
N ARG A 249 2.02 -4.93 -32.22
CA ARG A 249 3.11 -5.85 -31.92
CA ARG A 249 3.07 -5.92 -31.94
C ARG A 249 3.09 -6.30 -30.46
N TYR A 250 2.68 -5.40 -29.57
CA TYR A 250 2.91 -5.56 -28.14
C TYR A 250 1.67 -5.71 -27.22
N VAL A 251 0.48 -5.62 -27.80
CA VAL A 251 -0.75 -5.54 -27.01
C VAL A 251 -1.76 -6.61 -27.45
N ASN A 252 -2.50 -7.17 -26.50
CA ASN A 252 -3.70 -7.95 -26.80
C ASN A 252 -4.91 -7.23 -26.18
N PHE A 253 -6.10 -7.46 -26.77
CA PHE A 253 -7.37 -6.87 -26.31
C PHE A 253 -8.28 -7.95 -25.71
N MET A 254 -8.97 -7.61 -24.62
CA MET A 254 -9.93 -8.49 -23.97
CA MET A 254 -9.94 -8.50 -24.00
C MET A 254 -11.24 -7.74 -23.82
N ASP A 255 -12.33 -8.34 -24.30
CA ASP A 255 -13.66 -7.71 -24.31
C ASP A 255 -14.32 -7.64 -22.94
N ALA A 256 -15.53 -7.08 -22.87
CA ALA A 256 -16.22 -6.88 -21.59
C ALA A 256 -16.42 -8.16 -20.80
N GLU A 257 -16.32 -9.31 -21.48
CA GLU A 257 -16.42 -10.64 -20.82
C GLU A 257 -15.10 -11.37 -20.64
N GLY A 258 -14.00 -10.72 -21.02
CA GLY A 258 -12.68 -11.29 -20.80
C GLY A 258 -12.32 -12.30 -21.86
N LYS A 259 -12.98 -12.17 -23.01
CA LYS A 259 -12.70 -13.00 -24.18
C LYS A 259 -11.81 -12.24 -25.18
N PRO A 260 -10.92 -12.96 -25.88
CA PRO A 260 -10.04 -12.25 -26.80
C PRO A 260 -10.83 -11.42 -27.82
N SER A 261 -10.31 -10.23 -28.11
CA SER A 261 -10.94 -9.29 -29.03
C SER A 261 -9.85 -8.66 -29.88
N ASP A 262 -10.11 -7.46 -30.39
CA ASP A 262 -9.15 -6.78 -31.26
C ASP A 262 -9.39 -5.27 -31.25
N PHE A 263 -8.63 -4.53 -32.05
CA PHE A 263 -8.71 -3.06 -32.04
C PHE A 263 -10.10 -2.55 -32.44
N GLU A 264 -10.68 -3.17 -33.46
CA GLU A 264 -12.01 -2.81 -33.89
C GLU A 264 -13.03 -3.07 -32.77
N GLY A 265 -12.82 -4.16 -32.03
CA GLY A 265 -13.68 -4.49 -30.88
C GLY A 265 -13.56 -3.46 -29.74
N TYR A 266 -12.33 -3.07 -29.45
CA TYR A 266 -12.03 -1.98 -28.53
C TYR A 266 -12.75 -0.69 -28.93
N LYS A 267 -12.66 -0.34 -30.23
CA LYS A 267 -13.33 0.84 -30.77
C LYS A 267 -14.84 0.78 -30.56
N ALA A 268 -15.43 -0.39 -30.79
CA ALA A 268 -16.88 -0.55 -30.65
C ALA A 268 -17.32 -0.49 -29.20
N PHE A 269 -16.47 -0.99 -28.32
CA PHE A 269 -16.71 -0.92 -26.87
C PHE A 269 -16.72 0.53 -26.39
N LEU A 270 -15.73 1.32 -26.84
CA LEU A 270 -15.58 2.72 -26.42
C LEU A 270 -16.71 3.66 -26.86
N GLU A 271 -17.50 3.23 -27.85
CA GLU A 271 -18.68 3.96 -28.27
C GLU A 271 -19.70 4.12 -27.13
N ASN A 272 -19.58 3.28 -26.11
CA ASN A 272 -20.35 3.40 -24.88
C ASN A 272 -19.91 4.55 -23.96
N TYR A 273 -18.84 5.24 -24.34
CA TYR A 273 -18.16 6.21 -23.47
C TYR A 273 -17.80 7.49 -24.20
N ARG A 274 -18.70 7.98 -25.06
CA ARG A 274 -18.49 9.24 -25.77
C ARG A 274 -18.43 10.40 -24.78
N PRO A 275 -17.52 11.37 -25.05
CA PRO A 275 -17.31 12.53 -24.16
C PRO A 275 -18.59 13.25 -23.70
N GLU A 276 -19.52 13.52 -24.62
CA GLU A 276 -20.74 14.28 -24.27
C GLU A 276 -21.59 13.59 -23.20
N LYS A 277 -21.68 12.26 -23.32
CA LYS A 277 -22.44 11.44 -22.38
C LYS A 277 -21.70 11.30 -21.04
N VAL A 278 -20.38 11.12 -21.12
CA VAL A 278 -19.55 10.86 -19.95
C VAL A 278 -19.39 12.10 -19.09
N ALA A 279 -19.39 13.25 -19.74
CA ALA A 279 -19.36 14.55 -19.08
C ALA A 279 -20.56 14.73 -18.13
N GLU A 280 -21.76 14.35 -18.55
CA GLU A 280 -22.90 14.43 -17.64
C GLU A 280 -22.75 13.42 -16.51
N ILE A 281 -22.17 12.26 -16.80
CA ILE A 281 -22.02 11.21 -15.79
C ILE A 281 -21.06 11.69 -14.72
N CYS A 282 -19.89 12.16 -15.18
CA CYS A 282 -18.83 12.63 -14.32
C CYS A 282 -19.07 14.02 -13.71
N ARG A 283 -20.01 14.78 -14.28
CA ARG A 283 -20.33 16.17 -13.89
C ARG A 283 -19.12 17.07 -14.09
N VAL A 284 -18.49 16.99 -15.26
CA VAL A 284 -17.36 17.85 -15.61
C VAL A 284 -17.61 18.51 -16.98
N PRO A 285 -16.99 19.67 -17.24
CA PRO A 285 -17.10 20.18 -18.60
C PRO A 285 -16.55 19.13 -19.59
N VAL A 286 -17.19 18.98 -20.75
CA VAL A 286 -16.75 18.01 -21.77
C VAL A 286 -15.32 18.27 -22.26
N GLU A 287 -14.93 19.53 -22.28
CA GLU A 287 -13.60 19.91 -22.76
C GLU A 287 -12.47 19.38 -21.85
N GLN A 288 -12.80 19.07 -20.61
CA GLN A 288 -11.81 18.44 -19.73
C GLN A 288 -11.49 17.03 -20.20
N ILE A 289 -12.48 16.32 -20.73
CA ILE A 289 -12.20 15.02 -21.35
C ILE A 289 -11.22 15.11 -22.52
N TYR A 290 -11.47 16.04 -23.44
CA TYR A 290 -10.60 16.23 -24.60
C TYR A 290 -9.23 16.73 -24.20
N GLY A 291 -9.22 17.68 -23.26
CA GLY A 291 -7.99 18.25 -22.75
C GLY A 291 -7.05 17.23 -22.15
N ALA A 292 -7.58 16.36 -21.28
CA ALA A 292 -6.78 15.31 -20.62
C ALA A 292 -6.24 14.27 -21.63
N ALA A 293 -7.12 13.81 -22.52
CA ALA A 293 -6.81 12.84 -23.54
C ALA A 293 -5.73 13.35 -24.48
N ARG A 294 -5.89 14.60 -24.96
CA ARG A 294 -4.89 15.23 -25.81
C ARG A 294 -3.55 15.45 -25.09
N ALA A 295 -3.58 16.01 -23.89
CA ALA A 295 -2.35 16.19 -23.11
C ALA A 295 -1.59 14.87 -23.00
N PHE A 296 -2.31 13.83 -22.56
CA PHE A 296 -1.81 12.47 -22.39
C PHE A 296 -1.17 11.94 -23.67
N ALA A 297 -1.91 11.98 -24.77
CA ALA A 297 -1.45 11.38 -26.05
C ALA A 297 -0.48 12.21 -26.88
N GLU A 298 -0.63 13.53 -26.90
CA GLU A 298 0.24 14.35 -27.73
C GLU A 298 1.66 14.55 -27.16
N SER A 299 1.81 14.37 -25.86
CA SER A 299 3.06 14.58 -25.15
C SER A 299 4.19 13.66 -25.52
N ALA A 300 5.40 14.20 -25.49
CA ALA A 300 6.61 13.42 -25.78
C ALA A 300 6.86 12.22 -24.86
N ALA A 301 6.48 12.33 -23.58
CA ALA A 301 6.58 11.24 -22.60
C ALA A 301 5.54 11.48 -21.52
N THR A 302 4.62 10.54 -21.35
CA THR A 302 3.58 10.64 -20.32
C THR A 302 3.72 9.61 -19.21
N MET A 303 3.58 10.08 -17.98
CA MET A 303 3.64 9.26 -16.79
C MET A 303 2.34 9.47 -16.02
N SER A 304 1.68 8.37 -15.64
CA SER A 304 0.56 8.38 -14.70
C SER A 304 1.05 7.99 -13.31
N LEU A 305 0.36 8.53 -12.30
CA LEU A 305 0.65 8.29 -10.91
C LEU A 305 -0.71 8.32 -10.25
N TRP A 306 -0.97 7.35 -9.38
CA TRP A 306 -2.28 7.24 -8.72
C TRP A 306 -2.10 6.54 -7.40
N CYS A 307 -3.05 6.69 -6.51
CA CYS A 307 -2.97 6.01 -5.24
C CYS A 307 -4.39 5.59 -4.82
N MET A 308 -4.83 6.05 -3.67
CA MET A 308 -5.96 5.41 -3.01
C MET A 308 -7.34 5.74 -3.60
N GLY A 309 -7.43 6.87 -4.30
CA GLY A 309 -8.67 7.24 -5.01
C GLY A 309 -9.06 6.18 -6.01
N ILE A 310 -8.03 5.57 -6.60
CA ILE A 310 -8.13 4.49 -7.58
C ILE A 310 -8.21 3.08 -6.94
N ASN A 311 -7.34 2.80 -5.96
CA ASN A 311 -7.24 1.46 -5.34
C ASN A 311 -8.27 1.10 -4.33
N GLN A 312 -8.72 2.08 -3.54
CA GLN A 312 -9.69 1.80 -2.46
C GLN A 312 -11.12 1.82 -2.94
N ARG A 313 -11.41 0.86 -3.82
CA ARG A 313 -12.61 0.87 -4.67
C ARG A 313 -13.05 -0.56 -4.97
N VAL A 314 -14.36 -0.83 -5.07
CA VAL A 314 -14.81 -2.18 -5.49
C VAL A 314 -14.48 -2.45 -6.96
N GLN A 315 -14.19 -1.38 -7.71
CA GLN A 315 -13.68 -1.48 -9.06
C GLN A 315 -12.22 -1.09 -9.14
N GLY A 316 -11.47 -1.28 -8.05
CA GLY A 316 -10.07 -0.92 -7.99
C GLY A 316 -9.17 -1.55 -9.03
N VAL A 317 -9.30 -2.85 -9.24
CA VAL A 317 -8.45 -3.57 -10.21
C VAL A 317 -8.77 -3.08 -11.62
N PHE A 318 -10.07 -2.94 -11.91
CA PHE A 318 -10.56 -2.41 -13.19
C PHE A 318 -10.04 -0.99 -13.43
N ALA A 319 -10.15 -0.12 -12.42
CA ALA A 319 -9.56 1.25 -12.50
C ALA A 319 -8.08 1.26 -12.81
N ASN A 320 -7.34 0.31 -12.24
CA ASN A 320 -5.91 0.20 -12.56
C ASN A 320 -5.70 -0.17 -13.99
N ASN A 321 -6.39 -1.22 -14.45
CA ASN A 321 -6.35 -1.62 -15.86
C ASN A 321 -6.63 -0.46 -16.81
N LEU A 322 -7.60 0.41 -16.49
CA LEU A 322 -7.96 1.53 -17.38
C LEU A 322 -6.84 2.56 -17.55
N ILE A 323 -6.05 2.78 -16.50
CA ILE A 323 -4.88 3.64 -16.61
C ILE A 323 -3.84 2.97 -17.50
N HIS A 324 -3.62 1.66 -17.30
CA HIS A 324 -2.66 0.92 -18.13
C HIS A 324 -3.06 0.92 -19.61
N ASN A 325 -4.36 0.78 -19.89
CA ASN A 325 -4.96 0.88 -21.26
C ASN A 325 -4.51 2.13 -21.99
N LEU A 326 -4.55 3.28 -21.29
CA LEU A 326 -4.09 4.55 -21.89
C LEU A 326 -2.64 4.48 -22.35
N HIS A 327 -1.79 3.88 -21.53
CA HIS A 327 -0.38 3.80 -21.85
C HIS A 327 -0.14 2.80 -22.95
N LEU A 328 -0.91 1.72 -22.95
CA LEU A 328 -0.75 0.67 -23.96
C LEU A 328 -1.28 1.09 -25.35
N ILE A 329 -2.44 1.77 -25.41
CA ILE A 329 -2.98 2.23 -26.70
C ILE A 329 -2.12 3.35 -27.35
N THR A 330 -1.39 4.08 -26.52
CA THR A 330 -0.50 5.19 -26.95
C THR A 330 0.97 4.77 -26.98
N GLY A 331 1.28 3.61 -26.42
CA GLY A 331 2.67 3.18 -26.31
C GLY A 331 3.48 4.13 -25.41
N GLN A 332 2.81 4.82 -24.49
CA GLN A 332 3.49 5.71 -23.53
C GLN A 332 4.07 4.89 -22.38
N ILE A 333 5.07 4.08 -22.71
CA ILE A 333 5.57 3.09 -21.79
C ILE A 333 6.94 2.59 -22.26
N CYS A 334 7.74 2.10 -21.31
CA CYS A 334 9.04 1.46 -21.64
C CYS A 334 10.08 2.41 -22.24
N ARG A 335 9.94 3.70 -21.89
CA ARG A 335 10.81 4.81 -22.34
C ARG A 335 10.97 5.73 -21.14
N PRO A 336 12.10 6.41 -21.03
CA PRO A 336 12.28 7.48 -20.01
C PRO A 336 11.15 8.54 -19.93
N GLY A 337 10.50 8.67 -18.79
CA GLY A 337 9.44 9.67 -18.66
C GLY A 337 8.07 9.21 -19.06
N ALA A 338 8.00 8.00 -19.63
CA ALA A 338 6.76 7.41 -20.15
C ALA A 338 6.49 6.04 -19.48
N THR A 339 5.66 6.03 -18.41
CA THR A 339 5.26 4.82 -17.71
C THR A 339 3.98 5.06 -16.94
N SER A 340 3.46 3.92 -16.45
CA SER A 340 2.27 3.81 -15.67
C SER A 340 2.69 3.50 -14.23
N PHE A 341 2.69 4.51 -13.38
CA PHE A 341 3.37 4.38 -12.12
C PHE A 341 2.44 4.48 -10.94
N SER A 342 2.03 3.32 -10.43
CA SER A 342 1.30 3.24 -9.18
C SER A 342 2.18 3.77 -8.04
N LEU A 343 1.60 4.61 -7.18
CA LEU A 343 2.29 5.11 -6.00
C LEU A 343 1.91 4.22 -4.82
N THR A 344 2.90 3.83 -4.04
CA THR A 344 2.67 2.94 -2.89
C THR A 344 2.63 3.76 -1.65
N GLY A 345 1.71 3.47 -0.74
CA GLY A 345 1.63 4.30 0.44
C GLY A 345 2.65 4.03 1.51
N GLN A 346 2.76 2.77 1.92
CA GLN A 346 3.57 2.37 3.09
C GLN A 346 5.02 2.21 2.69
N PRO A 347 5.97 2.30 3.67
CA PRO A 347 7.42 2.22 3.37
C PRO A 347 7.87 0.88 2.80
N ASN A 348 7.20 -0.20 3.19
CA ASN A 348 7.55 -1.55 2.78
C ASN A 348 6.41 -2.50 2.40
N ALA A 349 5.27 -1.99 1.91
CA ALA A 349 4.27 -2.85 1.27
C ALA A 349 4.89 -3.65 0.13
N CYS A 350 5.72 -3.00 -0.69
CA CYS A 350 6.40 -3.61 -1.84
C CYS A 350 7.41 -4.69 -1.50
N GLY A 351 8.47 -4.34 -0.77
CA GLY A 351 9.47 -5.31 -0.31
C GLY A 351 8.91 -6.41 0.56
N GLY A 352 8.20 -6.03 1.62
CA GLY A 352 7.87 -6.98 2.68
C GLY A 352 6.72 -7.91 2.39
N VAL A 353 5.74 -7.41 1.67
CA VAL A 353 4.46 -8.10 1.56
C VAL A 353 4.15 -8.52 0.11
N ARG A 354 4.30 -7.60 -0.83
CA ARG A 354 4.02 -7.89 -2.22
C ARG A 354 5.12 -8.80 -2.78
N ASP A 355 6.35 -8.31 -2.82
CA ASP A 355 7.45 -9.12 -3.35
C ASP A 355 7.71 -10.38 -2.52
N GLY A 356 7.44 -10.29 -1.23
CA GLY A 356 7.72 -11.39 -0.31
C GLY A 356 6.58 -12.38 -0.22
N GLY A 357 5.46 -12.03 -0.86
CA GLY A 357 4.31 -12.89 -0.95
C GLY A 357 3.70 -13.17 0.39
N ALA A 358 3.56 -12.13 1.21
CA ALA A 358 3.07 -12.32 2.55
C ALA A 358 1.60 -11.97 2.63
N LEU A 359 0.83 -12.37 1.61
CA LEU A 359 -0.63 -12.32 1.65
C LEU A 359 -1.14 -13.77 1.55
N SER A 360 -2.44 -13.97 1.75
CA SER A 360 -3.01 -15.31 1.91
C SER A 360 -3.01 -16.22 0.68
N HIS A 361 -2.87 -15.63 -0.50
CA HIS A 361 -2.96 -16.38 -1.75
C HIS A 361 -1.59 -16.47 -2.45
N LEU A 362 -0.54 -15.94 -1.79
CA LEU A 362 0.76 -15.71 -2.42
C LEU A 362 1.91 -16.55 -1.81
N LEU A 363 2.99 -16.70 -2.57
CA LEU A 363 4.26 -17.28 -2.07
C LEU A 363 5.39 -16.33 -2.49
N PRO A 364 6.56 -16.39 -1.80
CA PRO A 364 7.60 -15.38 -2.11
C PRO A 364 8.03 -15.29 -3.58
N ALA A 365 8.43 -14.09 -4.02
CA ALA A 365 8.93 -13.79 -5.38
C ALA A 365 8.03 -14.18 -6.57
N GLY A 366 6.78 -13.72 -6.50
CA GLY A 366 5.84 -13.88 -7.61
C GLY A 366 5.29 -15.28 -7.76
N ARG A 367 5.25 -16.03 -6.66
CA ARG A 367 4.72 -17.39 -6.67
C ARG A 367 3.31 -17.36 -6.10
N ALA A 368 2.50 -18.35 -6.44
CA ALA A 368 1.11 -18.36 -6.01
C ALA A 368 0.74 -19.66 -5.31
N ILE A 369 -0.09 -19.54 -4.28
CA ILE A 369 -0.60 -20.66 -3.49
C ILE A 369 -1.29 -21.74 -4.36
N PRO A 370 -2.30 -21.34 -5.17
CA PRO A 370 -2.99 -22.36 -5.96
C PRO A 370 -2.13 -23.07 -7.00
N ASN A 371 -0.90 -22.61 -7.20
CA ASN A 371 -0.03 -23.16 -8.24
C ASN A 371 0.87 -24.31 -7.73
N ALA A 372 0.62 -25.53 -8.19
CA ALA A 372 1.32 -26.71 -7.68
C ALA A 372 2.85 -26.66 -7.82
N LYS A 373 3.31 -26.21 -8.97
CA LYS A 373 4.75 -26.12 -9.31
C LYS A 373 5.45 -25.13 -8.37
N HIS A 374 4.79 -23.99 -8.14
CA HIS A 374 5.22 -22.95 -7.20
C HIS A 374 5.39 -23.45 -5.77
N ARG A 375 4.41 -24.22 -5.26
CA ARG A 375 4.46 -24.77 -3.92
C ARG A 375 5.63 -25.75 -3.78
N ALA A 376 5.84 -26.57 -4.80
CA ALA A 376 6.93 -27.53 -4.87
C ALA A 376 8.27 -26.81 -4.88
N GLU A 377 8.36 -25.70 -5.61
CA GLU A 377 9.55 -24.83 -5.64
C GLU A 377 9.92 -24.38 -4.23
N MET A 378 8.89 -23.98 -3.48
CA MET A 378 9.04 -23.45 -2.11
C MET A 378 9.35 -24.50 -1.05
N GLU A 379 8.75 -25.68 -1.20
CA GLU A 379 9.04 -26.83 -0.34
C GLU A 379 10.50 -27.24 -0.49
N LYS A 380 10.99 -27.26 -1.73
CA LYS A 380 12.40 -27.52 -2.00
C LYS A 380 13.34 -26.46 -1.39
N LEU A 381 13.04 -25.17 -1.63
CA LEU A 381 13.82 -24.05 -1.11
C LEU A 381 13.81 -23.98 0.44
N TRP A 382 12.64 -24.22 1.03
CA TRP A 382 12.48 -24.19 2.49
C TRP A 382 12.76 -25.53 3.22
N GLY A 383 13.22 -26.52 2.47
CA GLY A 383 13.48 -27.87 2.98
C GLY A 383 12.27 -28.61 3.53
N LEU A 384 11.10 -28.34 2.98
CA LEU A 384 9.84 -28.89 3.52
C LEU A 384 9.50 -30.23 2.92
N PRO A 385 8.73 -31.07 3.64
CA PRO A 385 8.24 -32.25 2.93
C PRO A 385 7.19 -31.90 1.87
N GLU A 386 7.08 -32.75 0.85
CA GLU A 386 6.08 -32.62 -0.22
C GLU A 386 4.64 -32.47 0.30
N GLY A 387 3.97 -31.39 -0.11
CA GLY A 387 2.57 -31.16 0.27
C GLY A 387 2.35 -30.43 1.58
N ARG A 388 3.45 -29.96 2.20
CA ARG A 388 3.40 -29.22 3.47
C ARG A 388 2.64 -27.88 3.37
N ILE A 389 2.84 -27.16 2.27
CA ILE A 389 2.14 -25.93 2.02
C ILE A 389 0.74 -26.25 1.53
N ALA A 390 -0.26 -25.69 2.21
CA ALA A 390 -1.66 -25.90 1.88
C ALA A 390 -1.98 -25.33 0.49
N PRO A 391 -2.77 -26.09 -0.31
CA PRO A 391 -3.08 -25.67 -1.67
C PRO A 391 -4.14 -24.55 -1.85
N GLU A 392 -4.90 -24.23 -0.80
CA GLU A 392 -5.88 -23.13 -0.87
C GLU A 392 -5.45 -21.89 -0.05
N PRO A 393 -5.69 -20.69 -0.61
CA PRO A 393 -5.50 -19.41 0.09
C PRO A 393 -6.13 -19.34 1.47
N GLY A 394 -5.41 -18.74 2.42
CA GLY A 394 -6.00 -18.37 3.71
C GLY A 394 -6.95 -17.19 3.62
N TYR A 395 -7.40 -16.71 4.77
CA TYR A 395 -8.29 -15.59 4.83
C TYR A 395 -7.59 -14.29 4.43
N HIS A 396 -8.10 -13.67 3.36
CA HIS A 396 -7.83 -12.27 3.10
C HIS A 396 -8.33 -11.45 4.30
N THR A 397 -7.74 -10.26 4.50
CA THR A 397 -7.99 -9.39 5.66
C THR A 397 -9.46 -9.21 6.12
N VAL A 398 -10.34 -8.70 5.27
CA VAL A 398 -11.72 -8.53 5.74
C VAL A 398 -12.25 -9.89 6.21
N ALA A 399 -12.02 -10.95 5.42
CA ALA A 399 -12.52 -12.30 5.74
C ALA A 399 -11.87 -12.86 7.01
N LEU A 400 -10.60 -12.50 7.21
CA LEU A 400 -9.86 -12.86 8.43
C LEU A 400 -10.52 -12.45 9.76
N PHE A 401 -10.92 -11.18 9.84
CA PHE A 401 -11.58 -10.63 11.04
C PHE A 401 -13.01 -11.09 11.14
N GLU A 402 -13.60 -11.43 10.01
CA GLU A 402 -14.85 -12.19 9.99
C GLU A 402 -14.68 -13.59 10.58
N ALA A 403 -13.63 -14.30 10.17
CA ALA A 403 -13.29 -15.61 10.74
C ALA A 403 -13.08 -15.50 12.26
N LEU A 404 -12.37 -14.47 12.71
CA LEU A 404 -12.13 -14.25 14.14
C LEU A 404 -13.46 -14.08 14.90
N GLY A 405 -14.37 -13.32 14.30
CA GLY A 405 -15.70 -13.09 14.87
C GLY A 405 -16.51 -14.35 15.08
N ARG A 406 -16.40 -15.30 14.14
CA ARG A 406 -17.18 -16.54 14.18
C ARG A 406 -16.56 -17.59 15.10
N GLY A 407 -15.31 -17.35 15.51
CA GLY A 407 -14.57 -18.30 16.31
C GLY A 407 -13.69 -19.21 15.47
N ASP A 408 -13.69 -19.03 14.15
CA ASP A 408 -12.94 -19.93 13.26
C ASP A 408 -11.44 -19.77 13.39
N VAL A 409 -11.00 -18.52 13.45
CA VAL A 409 -9.63 -18.17 13.79
C VAL A 409 -9.69 -17.86 15.28
N LYS A 410 -8.91 -18.62 16.06
CA LYS A 410 -8.90 -18.54 17.54
C LYS A 410 -7.70 -17.77 18.10
N CYS A 411 -6.57 -17.86 17.41
CA CYS A 411 -5.34 -17.16 17.82
C CYS A 411 -4.86 -16.28 16.70
N MET A 412 -4.43 -15.06 17.04
CA MET A 412 -3.92 -14.11 16.03
C MET A 412 -2.73 -13.30 16.53
N ILE A 413 -1.68 -13.17 15.71
CA ILE A 413 -0.66 -12.14 15.90
C ILE A 413 -0.94 -10.93 14.99
N ILE A 414 -1.10 -9.77 15.63
CA ILE A 414 -1.17 -8.45 14.99
C ILE A 414 0.17 -7.77 15.19
N CYS A 415 0.81 -7.38 14.09
CA CYS A 415 2.15 -6.82 14.14
C CYS A 415 2.30 -5.53 13.32
N GLU A 416 2.66 -4.45 14.03
CA GLU A 416 2.92 -3.13 13.42
C GLU A 416 1.75 -2.57 12.58
N THR A 417 0.52 -2.69 13.13
CA THR A 417 -0.68 -2.16 12.50
C THR A 417 -1.70 -1.99 13.59
N ASN A 418 -2.74 -1.22 13.31
CA ASN A 418 -3.71 -0.80 14.29
C ASN A 418 -5.15 -1.03 13.77
N PRO A 419 -5.52 -2.31 13.45
CA PRO A 419 -6.80 -2.65 12.81
C PRO A 419 -8.04 -2.20 13.55
N ALA A 420 -7.94 -2.01 14.85
CA ALA A 420 -9.13 -1.54 15.60
C ALA A 420 -9.44 -0.07 15.30
N HIS A 421 -8.53 0.55 14.55
CA HIS A 421 -8.64 1.95 14.16
C HIS A 421 -8.85 2.03 12.63
N THR A 422 -8.22 1.13 11.88
CA THR A 422 -8.08 1.30 10.42
C THR A 422 -8.85 0.34 9.51
N LEU A 423 -9.47 -0.69 10.08
CA LEU A 423 -10.27 -1.61 9.27
C LEU A 423 -11.63 -0.95 9.00
N PRO A 424 -12.29 -1.27 7.88
CA PRO A 424 -13.59 -0.62 7.65
C PRO A 424 -14.70 -1.27 8.45
N ASN A 425 -15.79 -0.53 8.65
CA ASN A 425 -16.96 -1.06 9.35
C ASN A 425 -16.58 -1.49 10.77
N LEU A 426 -16.10 -0.51 11.56
CA LEU A 426 -15.41 -0.83 12.84
C LEU A 426 -16.27 -1.45 13.89
N ASN A 427 -17.55 -1.10 13.89
CA ASN A 427 -18.50 -1.65 14.84
C ASN A 427 -18.66 -3.16 14.70
N LYS A 428 -18.69 -3.63 13.46
CA LYS A 428 -18.63 -5.06 13.18
C LYS A 428 -17.28 -5.67 13.59
N VAL A 429 -16.19 -5.01 13.23
CA VAL A 429 -14.84 -5.44 13.57
C VAL A 429 -14.61 -5.50 15.10
N HIS A 430 -15.01 -4.46 15.83
CA HIS A 430 -14.81 -4.43 17.29
C HIS A 430 -15.55 -5.59 17.95
N LYS A 431 -16.74 -5.93 17.46
CA LYS A 431 -17.48 -7.11 17.96
C LYS A 431 -16.66 -8.36 17.75
N ALA A 432 -16.12 -8.52 16.53
CA ALA A 432 -15.27 -9.64 16.17
C ALA A 432 -14.02 -9.79 17.06
N MET A 433 -13.36 -8.66 17.34
CA MET A 433 -12.12 -8.60 18.13
C MET A 433 -12.40 -8.79 19.62
N SER A 434 -13.69 -8.74 19.97
CA SER A 434 -14.16 -9.01 21.34
C SER A 434 -14.54 -10.47 21.58
N HIS A 435 -14.29 -11.36 20.61
CA HIS A 435 -14.66 -12.75 20.81
C HIS A 435 -14.06 -13.21 22.14
N PRO A 436 -14.93 -13.62 23.10
CA PRO A 436 -14.44 -14.00 24.42
C PRO A 436 -13.46 -15.19 24.43
N GLU A 437 -13.37 -15.94 23.33
CA GLU A 437 -12.47 -17.09 23.32
C GLU A 437 -11.27 -16.89 22.40
N SER A 438 -11.15 -15.68 21.87
CA SER A 438 -10.01 -15.32 21.01
C SER A 438 -8.77 -15.06 21.87
N PHE A 439 -7.60 -15.39 21.31
CA PHE A 439 -6.33 -15.04 21.92
C PHE A 439 -5.56 -14.14 20.96
N ILE A 440 -5.45 -12.86 21.33
CA ILE A 440 -4.86 -11.84 20.45
C ILE A 440 -3.53 -11.32 21.03
N VAL A 441 -2.45 -11.56 20.29
CA VAL A 441 -1.10 -11.05 20.59
C VAL A 441 -0.78 -9.85 19.70
N CYS A 442 -0.38 -8.74 20.32
CA CYS A 442 -0.04 -7.51 19.62
C CYS A 442 1.44 -7.20 19.76
N ILE A 443 2.16 -7.10 18.64
CA ILE A 443 3.50 -6.58 18.67
C ILE A 443 3.37 -5.09 18.33
N GLU A 444 3.51 -4.24 19.35
CA GLU A 444 3.20 -2.82 19.19
C GLU A 444 4.14 -1.96 20.04
N ALA A 445 4.64 -0.86 19.44
CA ALA A 445 5.62 0.00 20.07
C ALA A 445 4.99 1.08 20.97
N PHE A 446 3.79 1.55 20.63
CA PHE A 446 3.19 2.72 21.33
C PHE A 446 1.90 2.40 22.09
N PRO A 447 1.87 2.73 23.40
CA PRO A 447 0.79 2.23 24.26
C PRO A 447 -0.58 2.84 23.97
N ASP A 448 -0.64 3.85 23.11
CA ASP A 448 -1.87 4.58 22.83
C ASP A 448 -2.58 4.05 21.58
N ALA A 449 -2.01 3.06 20.91
CA ALA A 449 -2.71 2.30 19.85
C ALA A 449 -4.01 1.67 20.41
N VAL A 450 -5.14 2.00 19.79
CA VAL A 450 -6.49 1.57 20.21
C VAL A 450 -6.65 0.04 20.13
N THR A 451 -5.88 -0.61 19.24
CA THR A 451 -5.93 -2.03 19.08
C THR A 451 -5.55 -2.75 20.34
N LEU A 452 -4.62 -2.19 21.10
CA LEU A 452 -4.21 -2.80 22.38
C LEU A 452 -5.33 -2.99 23.41
N GLU A 453 -6.46 -2.30 23.24
CA GLU A 453 -7.60 -2.47 24.16
C GLU A 453 -8.24 -3.86 23.99
N TYR A 454 -7.85 -4.56 22.92
CA TYR A 454 -8.33 -5.89 22.58
C TYR A 454 -7.28 -6.94 22.78
N ALA A 455 -6.00 -6.55 22.80
CA ALA A 455 -4.89 -7.48 23.02
C ALA A 455 -4.99 -8.25 24.35
N ASP A 456 -4.67 -9.54 24.30
CA ASP A 456 -4.60 -10.38 25.49
C ASP A 456 -3.15 -10.45 25.90
N LEU A 457 -2.26 -10.27 24.93
CA LEU A 457 -0.83 -10.29 25.19
C LEU A 457 -0.15 -9.22 24.34
N VAL A 458 0.81 -8.50 24.92
CA VAL A 458 1.58 -7.48 24.17
C VAL A 458 3.09 -7.72 24.28
N LEU A 459 3.80 -7.72 23.15
CA LEU A 459 5.25 -7.91 23.15
C LEU A 459 5.91 -6.57 22.78
N PRO A 460 6.94 -6.15 23.54
CA PRO A 460 7.61 -4.88 23.21
C PRO A 460 8.68 -5.01 22.12
N PRO A 461 8.50 -4.36 20.96
CA PRO A 461 9.47 -4.47 19.88
C PRO A 461 10.52 -3.38 19.82
N ALA A 462 11.65 -3.69 19.18
CA ALA A 462 12.60 -2.67 18.80
C ALA A 462 11.95 -1.81 17.71
N PHE A 463 12.11 -0.49 17.82
CA PHE A 463 11.44 0.47 16.93
C PHE A 463 12.37 1.04 15.88
N TRP A 464 11.96 1.00 14.61
CA TRP A 464 12.68 1.68 13.52
C TRP A 464 14.19 1.34 13.49
N CYS A 465 15.06 2.33 13.70
CA CYS A 465 16.51 2.12 13.69
C CYS A 465 17.13 1.66 15.04
N GLU A 466 16.29 1.16 15.96
CA GLU A 466 16.74 0.39 17.11
C GLU A 466 17.19 -1.01 16.71
N ARG A 467 16.96 -1.40 15.44
CA ARG A 467 17.48 -2.67 14.84
C ARG A 467 17.67 -2.49 13.33
N ASP A 468 18.27 -3.47 12.65
CA ASP A 468 18.55 -3.36 11.21
C ASP A 468 17.55 -4.12 10.34
N GLY A 469 17.39 -3.69 9.09
CA GLY A 469 16.48 -4.34 8.17
C GLY A 469 16.18 -3.56 6.92
N VAL A 470 15.61 -4.25 5.94
CA VAL A 470 15.39 -3.71 4.60
C VAL A 470 13.95 -3.23 4.41
N TYR A 471 13.83 -2.07 3.78
CA TYR A 471 12.57 -1.51 3.33
C TYR A 471 12.60 -1.42 1.81
N GLY A 472 11.55 -1.93 1.17
CA GLY A 472 11.39 -1.78 -0.27
C GLY A 472 10.31 -0.78 -0.59
N CYS A 473 10.71 0.37 -1.16
CA CYS A 473 9.78 1.46 -1.42
C CYS A 473 9.09 1.27 -2.78
N GLY A 474 8.32 2.27 -3.20
CA GLY A 474 7.50 2.24 -4.41
C GLY A 474 8.16 2.08 -5.78
N GLU A 475 9.45 2.40 -5.90
CA GLU A 475 10.18 2.33 -7.20
C GLU A 475 11.09 1.12 -7.34
N ARG A 476 10.82 0.07 -6.57
CA ARG A 476 11.57 -1.21 -6.61
C ARG A 476 12.96 -1.08 -5.97
N ARG A 477 13.14 0.00 -5.19
CA ARG A 477 14.38 0.25 -4.48
C ARG A 477 14.39 -0.46 -3.14
N TYR A 478 15.39 -1.32 -2.91
CA TYR A 478 15.51 -1.98 -1.61
C TYR A 478 16.61 -1.29 -0.83
N SER A 479 16.27 -0.70 0.31
CA SER A 479 17.24 0.10 1.06
C SER A 479 17.45 -0.40 2.49
N LEU A 480 18.69 -0.53 2.92
CA LEU A 480 18.98 -0.95 4.30
C LEU A 480 18.89 0.22 5.30
N THR A 481 18.23 -0.01 6.43
CA THR A 481 18.42 0.77 7.66
C THR A 481 19.37 0.01 8.61
N GLU A 482 20.51 0.59 8.96
CA GLU A 482 21.35 0.00 10.00
C GLU A 482 20.88 0.39 11.41
N LYS A 483 21.32 -0.37 12.42
CA LYS A 483 20.95 -0.08 13.81
C LYS A 483 21.76 1.12 14.29
N ALA A 484 21.07 2.12 14.87
CA ALA A 484 21.69 3.40 15.22
C ALA A 484 21.79 3.61 16.73
N VAL A 485 20.80 3.08 17.45
CA VAL A 485 20.70 3.15 18.90
C VAL A 485 20.22 1.79 19.45
N ASP A 486 20.38 1.57 20.74
CA ASP A 486 19.88 0.35 21.36
C ASP A 486 18.38 0.51 21.59
N PRO A 487 17.61 -0.60 21.53
CA PRO A 487 16.21 -0.49 21.99
C PRO A 487 16.14 -0.16 23.49
N PRO A 488 15.04 0.47 23.94
CA PRO A 488 14.94 0.79 25.35
C PRO A 488 14.33 -0.38 26.14
N GLY A 489 14.44 -0.38 27.47
CA GLY A 489 13.78 -1.38 28.30
C GLY A 489 14.02 -2.80 27.81
N GLN A 490 12.95 -3.57 27.68
CA GLN A 490 13.10 -4.97 27.27
C GLN A 490 12.65 -5.21 25.83
N CYS A 491 12.66 -4.16 25.02
CA CYS A 491 12.33 -4.26 23.59
C CYS A 491 13.32 -5.15 22.88
N ARG A 492 12.81 -6.00 21.99
CA ARG A 492 13.66 -6.89 21.24
C ARG A 492 13.25 -6.81 19.78
N PRO A 493 14.18 -7.08 18.84
CA PRO A 493 13.82 -7.13 17.44
C PRO A 493 12.84 -8.26 17.13
N THR A 494 11.82 -7.95 16.34
CA THR A 494 10.76 -8.91 16.05
C THR A 494 11.28 -10.12 15.29
N VAL A 495 12.31 -9.95 14.46
CA VAL A 495 12.93 -11.10 13.82
C VAL A 495 13.29 -12.18 14.86
N ASN A 496 13.94 -11.77 15.95
CA ASN A 496 14.34 -12.69 17.01
C ASN A 496 13.14 -13.21 17.79
N THR A 497 12.20 -12.32 18.09
CA THR A 497 10.96 -12.71 18.76
C THR A 497 10.24 -13.83 18.01
N LEU A 498 10.07 -13.65 16.71
CA LEU A 498 9.41 -14.62 15.82
C LEU A 498 10.07 -16.01 15.84
N VAL A 499 11.40 -16.02 15.73
CA VAL A 499 12.21 -17.24 15.79
C VAL A 499 12.06 -17.97 17.13
N GLU A 500 12.06 -17.25 18.24
CA GLU A 500 11.92 -17.89 19.56
C GLU A 500 10.50 -18.44 19.76
N PHE A 501 9.50 -17.70 19.27
CA PHE A 501 8.13 -18.20 19.30
C PHE A 501 7.98 -19.48 18.46
N ALA A 502 8.48 -19.44 17.22
CA ALA A 502 8.42 -20.61 16.34
C ALA A 502 9.01 -21.84 17.02
N ARG A 503 10.22 -21.73 17.56
CA ARG A 503 10.90 -22.82 18.26
C ARG A 503 10.11 -23.41 19.43
N ARG A 504 9.66 -22.55 20.32
CA ARG A 504 8.82 -22.94 21.46
C ARG A 504 7.47 -23.52 21.03
N ALA A 505 6.95 -23.09 19.88
CA ALA A 505 5.67 -23.57 19.36
C ALA A 505 5.78 -24.88 18.56
N GLY A 506 6.98 -25.45 18.49
CA GLY A 506 7.19 -26.77 17.94
C GLY A 506 7.51 -26.81 16.46
N VAL A 507 7.77 -25.64 15.87
CA VAL A 507 8.18 -25.58 14.49
C VAL A 507 9.57 -26.21 14.38
N ASP A 508 9.82 -26.97 13.31
CA ASP A 508 11.14 -27.48 13.02
C ASP A 508 12.20 -26.37 13.07
N PRO A 509 13.22 -26.57 13.92
CA PRO A 509 14.29 -25.58 14.16
C PRO A 509 15.02 -25.14 12.88
N GLN A 510 15.11 -26.04 11.90
CA GLN A 510 15.79 -25.78 10.62
CA GLN A 510 15.83 -25.69 10.67
C GLN A 510 15.02 -24.72 9.81
N LEU A 511 13.73 -24.56 10.11
CA LEU A 511 12.89 -23.62 9.36
C LEU A 511 13.15 -22.16 9.74
N VAL A 512 13.57 -21.95 10.99
CA VAL A 512 13.84 -20.61 11.51
C VAL A 512 15.29 -20.50 11.96
N ASN A 513 16.22 -20.92 11.10
CA ASN A 513 17.64 -20.89 11.45
C ASN A 513 18.27 -19.52 11.22
N PHE A 514 17.85 -18.54 12.03
CA PHE A 514 18.24 -17.14 11.83
C PHE A 514 18.67 -16.52 13.15
N ARG A 515 19.86 -15.93 13.16
CA ARG A 515 20.35 -15.22 14.34
C ARG A 515 19.95 -13.74 14.33
N ASN A 516 19.64 -13.23 13.14
CA ASN A 516 19.44 -11.81 12.91
C ASN A 516 18.85 -11.56 11.52
N ALA A 517 18.61 -10.32 11.18
CA ALA A 517 17.97 -9.99 9.91
C ALA A 517 18.92 -10.25 8.75
N GLU A 518 20.22 -10.21 8.99
CA GLU A 518 21.18 -10.47 7.92
C GLU A 518 21.09 -11.93 7.46
N ASP A 519 20.86 -12.84 8.40
CA ASP A 519 20.68 -14.25 8.10
C ASP A 519 19.46 -14.51 7.22
N VAL A 520 18.34 -13.87 7.55
CA VAL A 520 17.12 -14.08 6.79
C VAL A 520 17.14 -13.41 5.41
N TRP A 521 17.90 -12.31 5.30
CA TRP A 521 18.10 -11.64 4.03
C TRP A 521 18.80 -12.56 3.04
N ASN A 522 19.81 -13.28 3.53
CA ASN A 522 20.53 -14.23 2.68
C ASN A 522 19.71 -15.44 2.17
N GLU A 523 18.79 -15.94 3.00
CA GLU A 523 17.86 -16.95 2.51
C GLU A 523 16.88 -16.33 1.48
N TRP A 524 16.34 -15.16 1.81
CA TRP A 524 15.37 -14.49 0.95
C TRP A 524 16.00 -14.17 -0.45
N ARG A 525 17.27 -13.77 -0.46
CA ARG A 525 18.03 -13.64 -1.71
C ARG A 525 18.03 -14.93 -2.56
N MET A 526 18.32 -16.06 -1.91
CA MET A 526 18.31 -17.39 -2.53
CA MET A 526 18.32 -17.36 -2.57
C MET A 526 16.93 -17.71 -3.10
N VAL A 527 15.89 -17.41 -2.33
CA VAL A 527 14.52 -17.70 -2.70
C VAL A 527 14.12 -16.92 -3.97
N SER A 528 14.63 -15.69 -4.10
CA SER A 528 14.40 -14.82 -5.24
C SER A 528 15.21 -15.25 -6.47
N LYS A 529 16.35 -15.90 -6.24
CA LYS A 529 17.30 -16.19 -7.34
C LYS A 529 16.58 -16.89 -8.49
N GLY A 530 16.86 -16.49 -9.73
CA GLY A 530 16.25 -17.12 -10.90
C GLY A 530 14.80 -16.74 -11.21
N THR A 531 14.12 -16.02 -10.31
CA THR A 531 12.82 -15.44 -10.61
C THR A 531 12.99 -14.07 -11.27
N THR A 532 11.89 -13.52 -11.74
CA THR A 532 11.92 -12.17 -12.29
C THR A 532 12.01 -11.06 -11.21
N TYR A 533 12.18 -11.45 -9.95
CA TYR A 533 12.52 -10.50 -8.87
C TYR A 533 13.99 -10.58 -8.48
N ASP A 534 14.73 -11.51 -9.09
CA ASP A 534 16.10 -11.82 -8.67
C ASP A 534 16.83 -10.61 -8.10
N PHE A 535 17.07 -10.63 -6.79
CA PHE A 535 17.91 -9.60 -6.18
C PHE A 535 19.08 -10.26 -5.46
N TRP A 536 19.50 -11.42 -5.99
CA TRP A 536 20.68 -12.12 -5.51
C TRP A 536 21.86 -11.19 -5.37
N GLY A 537 22.00 -10.22 -6.28
CA GLY A 537 23.14 -9.29 -6.24
C GLY A 537 23.18 -8.30 -5.10
N MET A 538 22.11 -8.25 -4.31
CA MET A 538 22.00 -7.32 -3.20
C MET A 538 22.46 -7.94 -1.86
N THR A 539 23.78 -8.14 -1.75
CA THR A 539 24.40 -8.61 -0.51
C THR A 539 24.30 -7.54 0.58
N ARG A 540 24.39 -7.96 1.84
CA ARG A 540 24.44 -7.01 2.95
C ARG A 540 25.50 -5.92 2.77
N GLU A 541 26.70 -6.30 2.34
CA GLU A 541 27.77 -5.33 2.18
C GLU A 541 27.38 -4.27 1.13
N ARG A 542 26.80 -4.67 0.01
CA ARG A 542 26.34 -3.70 -0.99
C ARG A 542 25.27 -2.79 -0.43
N LEU A 543 24.34 -3.34 0.34
CA LEU A 543 23.26 -2.55 0.91
C LEU A 543 23.76 -1.60 2.01
N ARG A 544 24.85 -2.00 2.68
CA ARG A 544 25.55 -1.13 3.66
C ARG A 544 26.22 0.06 2.96
N LYS A 545 26.93 -0.21 1.86
CA LYS A 545 27.64 0.84 1.12
C LYS A 545 26.74 1.75 0.29
N GLU A 546 25.82 1.13 -0.47
CA GLU A 546 24.89 1.84 -1.36
C GLU A 546 23.73 2.43 -0.60
N SER A 547 23.14 3.48 -1.14
CA SER A 547 21.89 4.04 -0.64
C SER A 547 20.74 3.46 -1.47
N GLY A 548 20.55 2.15 -1.36
CA GLY A 548 19.46 1.45 -2.06
C GLY A 548 19.93 0.83 -3.37
N LEU A 549 19.37 -0.33 -3.72
CA LEU A 549 19.50 -0.90 -5.06
C LEU A 549 18.13 -1.27 -5.60
N ILE A 550 17.93 -1.07 -6.91
CA ILE A 550 16.63 -1.38 -7.56
C ILE A 550 16.72 -2.74 -8.28
N TRP A 551 15.77 -3.64 -7.98
CA TRP A 551 15.66 -4.95 -8.65
C TRP A 551 14.89 -4.90 -10.01
N PRO A 552 15.13 -5.89 -10.90
CA PRO A 552 16.10 -7.00 -10.85
C PRO A 552 17.58 -6.63 -10.70
N CYS A 553 18.25 -7.33 -9.78
CA CYS A 553 19.67 -7.12 -9.53
C CYS A 553 20.34 -8.48 -9.25
N PRO A 554 20.63 -9.30 -10.30
CA PRO A 554 20.95 -10.72 -10.14
C PRO A 554 22.39 -11.14 -9.76
N SER A 555 23.36 -10.22 -9.78
CA SER A 555 24.74 -10.54 -9.37
C SER A 555 25.39 -9.33 -8.72
N GLU A 556 26.53 -9.52 -8.05
CA GLU A 556 27.19 -8.43 -7.30
C GLU A 556 27.71 -7.34 -8.22
N ASP A 557 27.95 -7.66 -9.48
CA ASP A 557 28.42 -6.65 -10.42
C ASP A 557 27.29 -6.09 -11.30
N HIS A 558 26.04 -6.35 -10.92
CA HIS A 558 24.89 -5.77 -11.63
C HIS A 558 24.42 -4.50 -10.93
N PRO A 559 24.16 -3.42 -11.70
CA PRO A 559 23.74 -2.15 -11.07
C PRO A 559 22.27 -2.10 -10.64
N GLY A 560 21.49 -3.09 -11.07
CA GLY A 560 20.05 -3.04 -10.83
C GLY A 560 19.35 -2.60 -12.10
N THR A 561 18.03 -2.45 -12.04
CA THR A 561 17.28 -2.24 -13.28
C THR A 561 16.36 -1.05 -13.17
N SER A 562 16.44 -0.14 -14.13
CA SER A 562 15.45 0.92 -14.14
C SER A 562 14.30 0.64 -15.10
N LEU A 563 14.55 0.19 -16.33
CA LEU A 563 13.40 -0.02 -17.23
C LEU A 563 13.07 -1.51 -17.37
N ARG A 564 12.02 -1.97 -16.69
CA ARG A 564 11.58 -3.35 -16.86
C ARG A 564 10.93 -3.59 -18.21
N TYR A 565 11.11 -4.80 -18.76
CA TYR A 565 10.44 -5.22 -20.00
C TYR A 565 11.15 -4.70 -21.24
N VAL A 566 12.31 -4.08 -21.06
CA VAL A 566 13.08 -3.49 -22.17
C VAL A 566 14.34 -4.30 -22.48
N ARG A 567 14.48 -4.75 -23.73
CA ARG A 567 15.69 -5.47 -24.15
C ARG A 567 16.89 -4.57 -23.86
N GLY A 568 17.87 -5.11 -23.16
CA GLY A 568 19.14 -4.43 -23.02
C GLY A 568 19.16 -3.62 -21.75
N GLN A 569 17.98 -3.38 -21.17
CA GLN A 569 17.85 -2.69 -19.88
C GLN A 569 17.49 -3.62 -18.73
N ASP A 570 16.75 -4.68 -19.03
CA ASP A 570 16.20 -5.58 -18.02
C ASP A 570 16.87 -6.94 -18.22
N PRO A 571 17.52 -7.50 -17.17
CA PRO A 571 18.25 -8.74 -17.42
C PRO A 571 17.32 -9.94 -17.66
N CYS A 572 16.05 -9.81 -17.27
CA CYS A 572 15.04 -10.83 -17.51
C CYS A 572 14.63 -10.95 -18.97
N VAL A 573 15.00 -9.94 -19.77
CA VAL A 573 14.81 -9.96 -21.24
C VAL A 573 16.10 -10.50 -21.88
N PRO A 574 16.00 -11.67 -22.54
CA PRO A 574 17.19 -12.22 -23.18
C PRO A 574 17.83 -11.21 -24.15
N ALA A 575 19.15 -11.18 -24.21
CA ALA A 575 19.86 -10.24 -25.05
C ALA A 575 19.48 -10.38 -26.52
N ASP A 576 19.11 -11.59 -26.92
CA ASP A 576 18.73 -11.85 -28.31
C ASP A 576 17.21 -11.97 -28.54
N HIS A 577 16.41 -11.55 -27.57
CA HIS A 577 14.98 -11.40 -27.85
C HIS A 577 14.75 -10.65 -29.18
N PRO A 578 13.84 -11.17 -30.04
CA PRO A 578 13.70 -10.54 -31.36
C PRO A 578 13.12 -9.13 -31.35
N ASP A 579 12.48 -8.74 -30.25
CA ASP A 579 11.80 -7.44 -30.12
C ASP A 579 12.38 -6.56 -29.00
N ARG A 580 12.29 -5.24 -29.17
CA ARG A 580 12.88 -4.27 -28.22
C ARG A 580 12.22 -4.34 -26.83
N PHE A 581 10.93 -4.69 -26.81
CA PHE A 581 10.17 -4.90 -25.57
C PHE A 581 9.71 -6.38 -25.43
N PHE A 582 9.38 -6.78 -24.21
CA PHE A 582 8.99 -8.16 -23.91
C PHE A 582 8.24 -8.16 -22.59
N PHE A 583 6.93 -8.20 -22.66
CA PHE A 583 6.14 -8.29 -21.45
C PHE A 583 6.04 -9.75 -21.01
N TYR A 584 7.17 -10.26 -20.50
CA TYR A 584 7.42 -11.67 -20.17
C TYR A 584 6.50 -12.27 -19.09
N GLY A 585 5.70 -11.43 -18.46
CA GLY A 585 4.66 -11.90 -17.55
C GLY A 585 3.45 -12.52 -18.27
N LYS A 586 3.34 -12.31 -19.57
CA LYS A 586 2.25 -12.90 -20.35
C LYS A 586 2.87 -13.94 -21.29
N PRO A 587 2.15 -15.05 -21.57
CA PRO A 587 2.69 -16.18 -22.38
C PRO A 587 3.16 -15.84 -23.81
N ASP A 588 2.59 -14.81 -24.43
CA ASP A 588 3.00 -14.38 -25.79
C ASP A 588 3.85 -13.10 -25.80
N GLY A 589 4.17 -12.59 -24.62
CA GLY A 589 5.03 -11.43 -24.50
C GLY A 589 4.33 -10.11 -24.73
N ARG A 590 2.99 -10.13 -24.72
CA ARG A 590 2.19 -8.94 -25.02
C ARG A 590 1.40 -8.50 -23.77
N ALA A 591 1.39 -7.20 -23.49
CA ALA A 591 0.55 -6.62 -22.41
C ALA A 591 -0.91 -6.65 -22.84
N VAL A 592 -1.84 -6.34 -21.93
CA VAL A 592 -3.25 -6.57 -22.24
C VAL A 592 -4.08 -5.36 -21.96
N ILE A 593 -4.84 -4.94 -22.97
CA ILE A 593 -5.89 -3.93 -22.82
C ILE A 593 -7.20 -4.62 -22.42
N TRP A 594 -7.83 -4.11 -21.37
CA TRP A 594 -9.02 -4.70 -20.76
C TRP A 594 -10.23 -3.78 -20.90
N MET A 595 -11.26 -4.28 -21.58
CA MET A 595 -12.49 -3.54 -21.79
CA MET A 595 -12.49 -3.54 -21.78
C MET A 595 -13.42 -3.65 -20.58
N ARG A 596 -12.99 -3.08 -19.44
CA ARG A 596 -13.72 -3.18 -18.16
C ARG A 596 -14.96 -2.29 -18.05
N PRO A 597 -16.14 -2.90 -17.81
CA PRO A 597 -17.35 -2.08 -17.69
C PRO A 597 -17.32 -1.17 -16.47
N ALA A 598 -17.60 0.11 -16.71
CA ALA A 598 -17.61 1.15 -15.70
C ALA A 598 -18.89 1.10 -14.90
N LYS A 599 -18.77 1.04 -13.56
CA LYS A 599 -19.96 1.03 -12.72
C LYS A 599 -19.90 2.13 -11.62
N GLY A 600 -20.22 1.81 -10.37
CA GLY A 600 -20.06 2.80 -9.28
C GLY A 600 -19.54 2.21 -7.98
N ALA A 601 -19.92 2.84 -6.87
CA ALA A 601 -19.62 2.34 -5.55
C ALA A 601 -20.58 1.23 -5.16
N ALA A 602 -20.12 0.39 -4.24
CA ALA A 602 -20.96 -0.61 -3.60
C ALA A 602 -22.18 0.05 -2.89
N GLU A 603 -21.94 1.16 -2.18
CA GLU A 603 -23.01 1.98 -1.59
C GLU A 603 -23.03 3.40 -2.22
N GLU A 604 -24.00 3.62 -3.12
CA GLU A 604 -24.21 4.89 -3.82
C GLU A 604 -25.25 5.73 -3.07
N PRO A 605 -25.09 7.07 -3.07
CA PRO A 605 -26.08 8.01 -2.59
C PRO A 605 -27.50 7.77 -3.14
N ASP A 606 -28.48 8.10 -2.31
CA ASP A 606 -29.88 8.06 -2.70
C ASP A 606 -30.64 9.10 -1.86
N ALA A 607 -31.95 9.22 -2.05
CA ALA A 607 -32.72 10.25 -1.34
C ALA A 607 -32.41 10.29 0.17
N GLU A 608 -32.32 9.11 0.77
CA GLU A 608 -32.11 8.95 2.22
C GLU A 608 -30.69 9.40 2.67
N TYR A 609 -29.67 8.92 1.98
CA TYR A 609 -28.30 9.27 2.28
C TYR A 609 -27.72 9.92 1.00
N PRO A 610 -27.91 11.26 0.86
CA PRO A 610 -27.69 11.93 -0.44
C PRO A 610 -26.26 12.37 -0.79
N LEU A 611 -25.29 12.12 0.07
CA LEU A 611 -23.93 12.61 -0.14
C LEU A 611 -22.95 11.46 -0.31
N TYR A 612 -21.92 11.68 -1.12
CA TYR A 612 -20.75 10.81 -1.11
C TYR A 612 -19.94 11.19 0.11
N LEU A 613 -19.36 10.20 0.78
CA LEU A 613 -18.47 10.43 1.90
C LEU A 613 -17.20 9.72 1.57
N THR A 614 -16.09 10.45 1.64
CA THR A 614 -14.76 9.89 1.41
C THR A 614 -13.85 10.08 2.65
N SER A 615 -12.71 9.41 2.64
CA SER A 615 -11.73 9.53 3.72
C SER A 615 -10.36 9.73 3.09
N MET A 616 -9.50 10.48 3.78
CA MET A 616 -8.28 10.99 3.15
C MET A 616 -7.10 11.18 4.11
N ARG A 617 -5.91 11.32 3.52
CA ARG A 617 -4.71 11.79 4.24
C ARG A 617 -4.65 13.30 4.49
N VAL A 618 -4.02 13.59 5.62
CA VAL A 618 -3.69 14.92 6.05
C VAL A 618 -2.14 14.91 6.18
N ILE A 619 -1.47 16.01 5.81
CA ILE A 619 0.02 16.01 5.77
C ILE A 619 0.72 15.84 7.12
N ASP A 620 0.10 16.34 8.16
CA ASP A 620 0.75 16.41 9.46
C ASP A 620 0.69 15.11 10.22
N HIS A 621 -0.20 14.20 9.82
CA HIS A 621 -0.38 12.94 10.54
C HIS A 621 -0.24 11.72 9.68
N TRP A 622 0.58 10.80 10.16
CA TRP A 622 0.66 9.43 9.66
C TRP A 622 -0.39 8.55 10.34
N HIS A 623 -1.32 8.03 9.52
CA HIS A 623 -2.34 7.08 9.93
C HIS A 623 -2.96 7.37 11.30
N THR A 624 -2.73 6.48 12.27
CA THR A 624 -3.37 6.55 13.60
C THR A 624 -2.69 7.50 14.61
N ALA A 625 -1.64 8.21 14.17
CA ALA A 625 -0.99 9.29 14.91
C ALA A 625 -0.35 8.85 16.23
N THR A 626 -0.04 7.55 16.38
CA THR A 626 0.71 7.06 17.56
C THR A 626 2.18 7.49 17.50
N MET A 627 2.62 7.93 16.34
CA MET A 627 3.97 8.46 16.15
C MET A 627 3.93 9.98 15.96
N THR A 628 3.25 10.46 14.91
CA THR A 628 3.14 11.91 14.65
C THR A 628 2.49 12.68 15.81
N GLY A 629 1.63 12.02 16.56
CA GLY A 629 1.01 12.60 17.76
C GLY A 629 1.96 12.86 18.90
N LYS A 630 3.18 12.31 18.83
CA LYS A 630 4.23 12.60 19.83
C LYS A 630 5.07 13.84 19.44
N VAL A 631 4.86 14.36 18.23
CA VAL A 631 5.58 15.53 17.75
C VAL A 631 4.67 16.75 17.88
N PRO A 632 4.98 17.64 18.83
CA PRO A 632 4.13 18.77 19.17
C PRO A 632 3.74 19.62 17.96
N GLU A 633 4.71 19.98 17.13
CA GLU A 633 4.46 20.81 15.95
C GLU A 633 3.59 20.12 14.89
N LEU A 634 3.72 18.81 14.77
CA LEU A 634 2.84 18.02 13.93
C LEU A 634 1.42 17.95 14.55
N GLN A 635 1.35 17.61 15.84
CA GLN A 635 0.08 17.41 16.53
C GLN A 635 -0.78 18.67 16.60
N LYS A 636 -0.15 19.82 16.83
CA LYS A 636 -0.86 21.10 16.94
C LYS A 636 -1.50 21.56 15.64
N ALA A 637 -0.84 21.23 14.53
CA ALA A 637 -1.30 21.57 13.17
C ALA A 637 -2.64 20.91 12.78
N ASN A 638 -2.93 19.76 13.36
CA ASN A 638 -4.19 19.04 13.11
C ASN A 638 -4.50 18.08 14.26
N PRO A 639 -4.95 18.61 15.41
CA PRO A 639 -5.20 17.81 16.62
C PRO A 639 -6.42 16.88 16.62
N ILE A 640 -7.45 17.24 15.83
CA ILE A 640 -8.77 16.62 15.88
C ILE A 640 -9.37 16.41 14.49
N ALA A 641 -10.33 15.48 14.38
CA ALA A 641 -11.04 15.23 13.13
C ALA A 641 -12.03 16.34 12.81
N PHE A 642 -12.37 16.48 11.53
CA PHE A 642 -13.26 17.52 11.03
C PHE A 642 -13.96 16.89 9.83
N VAL A 643 -15.04 17.52 9.36
CA VAL A 643 -15.62 17.14 8.06
C VAL A 643 -15.54 18.31 7.08
N GLU A 644 -14.92 18.04 5.93
CA GLU A 644 -14.99 18.93 4.76
C GLU A 644 -16.35 18.86 4.11
N ILE A 645 -16.90 20.03 3.83
CA ILE A 645 -18.19 20.20 3.19
C ILE A 645 -18.03 21.22 2.07
N ASN A 646 -18.67 20.99 0.94
CA ASN A 646 -18.69 21.96 -0.16
C ASN A 646 -19.44 23.27 0.20
N GLU A 647 -18.78 24.40 -0.11
CA GLU A 647 -19.31 25.78 -0.02
C GLU A 647 -20.77 25.89 -0.40
N GLU A 648 -21.07 25.39 -1.60
CA GLU A 648 -22.38 25.57 -2.21
C GLU A 648 -23.46 24.63 -1.63
N ASP A 649 -23.08 23.41 -1.22
CA ASP A 649 -23.97 22.52 -0.45
C ASP A 649 -24.31 23.08 0.94
N ALA A 650 -23.33 23.69 1.61
CA ALA A 650 -23.52 24.32 2.94
C ALA A 650 -24.42 25.55 2.88
N ALA A 651 -24.26 26.36 1.82
CA ALA A 651 -25.09 27.54 1.59
C ALA A 651 -26.55 27.14 1.44
N ARG A 652 -26.83 26.18 0.56
CA ARG A 652 -28.21 25.73 0.34
C ARG A 652 -28.83 25.02 1.57
N THR A 653 -28.00 24.72 2.57
CA THR A 653 -28.44 23.90 3.69
C THR A 653 -28.40 24.57 5.09
N GLY A 654 -27.77 25.75 5.18
CA GLY A 654 -27.68 26.50 6.43
C GLY A 654 -26.56 26.14 7.40
N ILE A 655 -25.46 25.62 6.87
CA ILE A 655 -24.31 25.19 7.67
C ILE A 655 -23.15 26.16 7.43
N LYS A 656 -22.62 26.69 8.52
CA LYS A 656 -21.53 27.67 8.48
C LYS A 656 -20.21 27.01 8.84
N HIS A 657 -19.13 27.46 8.21
CA HIS A 657 -17.78 27.06 8.59
C HIS A 657 -17.60 27.12 10.10
N GLY A 658 -17.13 26.03 10.69
CA GLY A 658 -16.91 25.98 12.14
C GLY A 658 -18.02 25.32 12.93
N ASP A 659 -19.20 25.19 12.32
CA ASP A 659 -20.36 24.51 12.92
C ASP A 659 -20.08 23.07 13.29
N SER A 660 -20.62 22.66 14.42
CA SER A 660 -20.64 21.25 14.75
C SER A 660 -21.75 20.60 13.95
N VAL A 661 -21.43 19.55 13.21
CA VAL A 661 -22.46 18.85 12.47
C VAL A 661 -22.44 17.35 12.77
N ILE A 662 -23.55 16.67 12.50
CA ILE A 662 -23.59 15.22 12.59
C ILE A 662 -23.45 14.64 11.19
N VAL A 663 -22.42 13.80 11.01
CA VAL A 663 -22.21 13.02 9.80
C VAL A 663 -22.78 11.60 10.06
N GLU A 664 -23.74 11.19 9.24
CA GLU A 664 -24.43 9.93 9.48
C GLU A 664 -24.43 9.03 8.24
N THR A 665 -23.97 7.79 8.40
CA THR A 665 -24.21 6.74 7.41
C THR A 665 -25.15 5.65 8.00
N ARG A 666 -25.48 4.64 7.19
CA ARG A 666 -26.26 3.47 7.62
C ARG A 666 -25.68 2.79 8.87
N ARG A 667 -24.37 2.92 9.05
CA ARG A 667 -23.65 2.18 10.09
C ARG A 667 -23.46 2.93 11.40
N ASP A 668 -23.23 4.24 11.34
CA ASP A 668 -23.12 5.04 12.57
C ASP A 668 -23.36 6.50 12.30
N ALA A 669 -23.20 7.32 13.35
CA ALA A 669 -23.34 8.77 13.27
C ALA A 669 -22.29 9.41 14.17
N MET A 670 -21.75 10.55 13.76
CA MET A 670 -20.66 11.17 14.48
C MET A 670 -20.68 12.67 14.39
N GLU A 671 -20.53 13.34 15.52
CA GLU A 671 -20.41 14.79 15.56
C GLU A 671 -18.97 15.26 15.22
N LEU A 672 -18.85 16.19 14.25
CA LEU A 672 -17.56 16.73 13.76
C LEU A 672 -17.67 18.20 13.40
N PRO A 673 -16.60 18.98 13.64
CA PRO A 673 -16.64 20.39 13.22
C PRO A 673 -16.52 20.50 11.72
N ALA A 674 -17.27 21.42 11.12
CA ALA A 674 -17.25 21.55 9.65
C ALA A 674 -16.20 22.52 9.15
N ARG A 675 -15.49 22.09 8.12
CA ARG A 675 -14.72 22.99 7.28
C ARG A 675 -15.47 23.18 5.96
N VAL A 676 -16.02 24.37 5.77
CA VAL A 676 -16.76 24.71 4.55
C VAL A 676 -15.84 25.48 3.63
N SER A 677 -15.61 24.91 2.45
CA SER A 677 -14.70 25.49 1.46
CA SER A 677 -14.70 25.48 1.45
C SER A 677 -15.07 24.92 0.08
N ASP A 678 -14.17 25.05 -0.88
CA ASP A 678 -14.35 24.48 -2.22
C ASP A 678 -13.47 23.25 -2.46
N VAL A 679 -12.84 22.74 -1.40
CA VAL A 679 -12.06 21.50 -1.45
C VAL A 679 -12.90 20.34 -2.01
N CYS A 680 -14.07 20.08 -1.42
CA CYS A 680 -14.92 19.01 -1.88
C CYS A 680 -15.83 19.53 -2.96
N ARG A 681 -15.91 18.82 -4.09
CA ARG A 681 -16.88 19.18 -5.13
C ARG A 681 -18.30 19.06 -4.55
N PRO A 682 -19.30 19.73 -5.16
CA PRO A 682 -20.70 19.54 -4.69
C PRO A 682 -21.17 18.05 -4.63
N GLY A 683 -21.91 17.72 -3.56
CA GLY A 683 -22.43 16.36 -3.34
C GLY A 683 -21.47 15.43 -2.62
N LEU A 684 -20.29 15.96 -2.26
CA LEU A 684 -19.23 15.20 -1.59
C LEU A 684 -18.85 15.77 -0.22
N ILE A 685 -18.67 14.89 0.77
CA ILE A 685 -18.05 15.25 2.05
C ILE A 685 -16.80 14.39 2.34
N ALA A 686 -15.92 14.87 3.24
CA ALA A 686 -14.65 14.18 3.43
C ALA A 686 -14.13 14.28 4.85
N VAL A 687 -13.70 13.13 5.39
CA VAL A 687 -13.18 13.08 6.77
C VAL A 687 -11.78 12.48 6.78
N PRO A 688 -10.90 12.95 7.69
CA PRO A 688 -9.62 12.28 7.87
C PRO A 688 -9.80 11.13 8.92
N PHE A 689 -8.83 10.22 9.03
CA PHE A 689 -9.00 9.08 9.95
C PHE A 689 -7.89 8.92 11.02
N PHE A 690 -7.14 9.98 11.30
CA PHE A 690 -6.07 9.95 12.32
C PHE A 690 -6.57 9.97 13.79
N ASP A 691 -7.79 10.42 14.01
CA ASP A 691 -8.24 10.69 15.36
C ASP A 691 -8.83 9.44 16.04
N PRO A 692 -8.20 8.97 17.17
CA PRO A 692 -8.73 7.83 17.91
C PRO A 692 -9.99 8.17 18.71
N LYS A 693 -10.28 9.47 18.87
CA LYS A 693 -11.47 9.89 19.58
C LYS A 693 -12.66 10.03 18.64
N LYS A 694 -12.41 9.86 17.35
CA LYS A 694 -13.41 10.01 16.31
C LYS A 694 -13.11 8.94 15.30
N LEU A 695 -13.49 7.70 15.60
CA LEU A 695 -13.13 6.57 14.74
C LEU A 695 -14.00 6.52 13.48
N VAL A 696 -13.56 7.22 12.44
CA VAL A 696 -14.38 7.39 11.22
C VAL A 696 -14.66 6.07 10.48
N ASN A 697 -13.81 5.06 10.66
CA ASN A 697 -14.11 3.77 10.06
C ASN A 697 -15.35 3.06 10.63
N LYS A 698 -15.96 3.64 11.66
CA LYS A 698 -17.27 3.17 12.12
C LYS A 698 -18.35 3.51 11.09
N LEU A 699 -18.11 4.58 10.32
CA LEU A 699 -19.05 5.11 9.34
C LEU A 699 -18.99 4.36 8.01
N PHE A 700 -17.80 3.91 7.64
CA PHE A 700 -17.55 3.33 6.32
C PHE A 700 -17.97 1.86 6.18
N LEU A 701 -18.34 1.51 4.96
CA LEU A 701 -18.77 0.17 4.62
C LEU A 701 -17.55 -0.65 4.24
N ASP A 702 -17.73 -1.94 4.35
CA ASP A 702 -16.75 -3.00 4.31
CA ASP A 702 -16.57 -2.83 4.19
C ASP A 702 -16.67 -3.71 2.95
N ALA A 703 -17.39 -3.19 1.95
CA ALA A 703 -17.47 -3.82 0.62
C ALA A 703 -16.07 -3.88 0.02
N THR A 704 -15.76 -4.96 -0.70
CA THR A 704 -14.42 -5.20 -1.21
C THR A 704 -14.41 -5.52 -2.70
N ASP A 705 -13.37 -5.06 -3.38
CA ASP A 705 -13.12 -5.45 -4.77
C ASP A 705 -13.10 -6.99 -4.82
N PRO A 706 -13.93 -7.61 -5.68
CA PRO A 706 -13.95 -9.09 -5.70
C PRO A 706 -12.70 -9.80 -6.23
N VAL A 707 -11.76 -9.07 -6.82
CA VAL A 707 -10.50 -9.66 -7.26
C VAL A 707 -9.41 -9.45 -6.19
N SER A 708 -9.06 -8.20 -5.93
CA SER A 708 -8.01 -7.83 -4.96
C SER A 708 -8.42 -7.94 -3.48
N ARG A 709 -9.72 -7.87 -3.21
CA ARG A 709 -10.25 -7.92 -1.84
C ARG A 709 -9.87 -6.72 -0.98
N GLU A 710 -9.59 -5.61 -1.67
CA GLU A 710 -9.37 -4.29 -1.07
C GLU A 710 -10.70 -3.63 -0.83
N PRO A 711 -10.89 -3.03 0.38
CA PRO A 711 -12.16 -2.36 0.69
C PRO A 711 -12.29 -0.98 0.04
N GLU A 712 -13.54 -0.55 -0.09
CA GLU A 712 -13.89 0.75 -0.63
C GLU A 712 -13.99 1.78 0.50
N TYR A 713 -12.82 2.19 1.00
CA TYR A 713 -12.77 3.25 2.00
C TYR A 713 -13.10 4.61 1.37
N LYS A 714 -12.95 4.70 0.05
CA LYS A 714 -13.04 5.97 -0.63
C LYS A 714 -14.47 6.44 -0.93
N ILE A 715 -15.45 5.54 -0.92
CA ILE A 715 -16.84 5.92 -1.22
C ILE A 715 -17.89 5.23 -0.36
N CYS A 716 -18.70 6.01 0.35
CA CYS A 716 -19.98 5.51 0.82
C CYS A 716 -21.02 6.60 0.81
N ALA A 717 -22.19 6.33 1.38
CA ALA A 717 -23.34 7.23 1.34
C ALA A 717 -23.61 7.81 2.73
N ALA A 718 -23.75 9.13 2.79
CA ALA A 718 -23.88 9.84 4.05
C ALA A 718 -25.01 10.88 4.02
N ARG A 719 -25.41 11.35 5.20
CA ARG A 719 -26.17 12.59 5.29
C ARG A 719 -25.51 13.48 6.34
N VAL A 720 -25.81 14.78 6.30
CA VAL A 720 -25.26 15.75 7.23
C VAL A 720 -26.41 16.57 7.77
N ARG A 721 -26.41 16.80 9.08
CA ARG A 721 -27.29 17.79 9.70
C ARG A 721 -26.52 18.57 10.77
N LYS A 722 -26.99 19.79 11.06
CA LYS A 722 -26.46 20.64 12.13
C LYS A 722 -26.73 20.02 13.50
N ALA A 723 -25.68 19.95 14.34
CA ALA A 723 -25.77 19.41 15.69
C ALA A 723 -26.57 20.35 16.62
FE1 SF4 B . 8.54 12.76 3.74
FE2 SF4 B . 7.78 10.25 2.83
FE3 SF4 B . 9.66 10.39 4.78
FE4 SF4 B . 10.25 11.30 2.32
S1 SF4 B . 9.73 9.10 2.87
S2 SF4 B . 10.71 12.40 4.29
S3 SF4 B . 8.27 12.15 1.56
S4 SF4 B . 7.49 11.05 4.97
MO MO C . -1.64 2.45 2.49
PB MGD D . -0.62 2.86 11.42
O1B MGD D . -0.88 4.04 12.34
O2B MGD D . 0.44 2.97 10.31
O3B MGD D . -2.05 2.41 10.80
O3A MGD D . -3.43 1.54 8.95
PA MGD D . -2.55 0.98 10.17
O1A MGD D . -3.49 0.34 11.10
O2A MGD D . -1.37 0.20 9.64
O5' MGD D . -0.19 1.59 12.33
C5' MGD D . 1.17 1.16 12.51
C4' MGD D . 1.25 0.74 13.98
O4' MGD D . 2.49 0.15 14.35
C3' MGD D . 1.05 1.91 14.93
O3' MGD D . 0.01 1.51 15.85
C2' MGD D . 2.41 2.10 15.59
O2' MGD D . 2.35 2.57 16.92
C1' MGD D . 2.96 0.68 15.59
N9 MGD D . 4.41 0.59 15.52
C8 MGD D . 5.30 1.55 15.17
N7 MGD D . 6.56 1.06 15.16
C5 MGD D . 6.49 -0.24 15.49
C6 MGD D . 7.44 -1.38 15.65
O6 MGD D . 8.68 -1.26 15.50
N1 MGD D . 6.93 -2.58 15.98
C2 MGD D . 5.62 -2.75 16.16
N2 MGD D . 5.18 -3.98 16.49
N3 MGD D . 4.69 -1.78 16.04
C4 MGD D . 5.07 -0.54 15.71
C10 MGD D . -2.86 1.71 7.62
C11 MGD D . -3.89 1.36 6.57
O11 MGD D . -5.04 2.14 6.91
C12 MGD D . -3.45 1.71 5.17
S12 MGD D . -1.83 1.59 4.76
C13 MGD D . -4.32 2.14 4.25
S13 MGD D . -3.85 2.52 2.65
C14 MGD D . -5.78 2.32 4.61
N15 MGD D . -6.14 3.72 4.42
C16 MGD D . -7.35 4.15 4.86
C17 MGD D . -8.11 5.23 4.21
O17 MGD D . -7.67 5.81 3.20
N18 MGD D . -9.31 5.57 4.70
C19 MGD D . -9.84 4.97 5.79
N19 MGD D . -11.07 5.37 6.23
N20 MGD D . -9.21 3.96 6.43
C21 MGD D . -7.98 3.50 6.02
N22 MGD D . -7.34 2.49 6.66
C23 MGD D . -6.15 1.87 6.05
PB MGD E . -5.74 9.87 0.21
O1B MGD E . -6.15 11.22 0.72
O2B MGD E . -6.05 8.64 1.03
O3B MGD E . -4.16 9.98 -0.09
O3A MGD E . -2.09 8.59 -0.33
PA MGD E . -3.30 9.19 -1.20
O1A MGD E . -2.55 10.11 -2.15
O2A MGD E . -4.16 8.13 -1.83
O5' MGD E . -6.10 9.77 -1.30
C5' MGD E . -7.39 10.02 -1.63
C4' MGD E . -7.45 11.00 -2.76
O4' MGD E . -8.30 10.24 -3.63
C3' MGD E . -8.27 12.10 -2.09
O3' MGD E . -7.85 13.42 -2.42
C2' MGD E . -9.68 11.78 -2.50
O2' MGD E . -10.46 12.95 -2.81
C1' MGD E . -9.49 10.95 -3.77
N9 MGD E . -10.73 10.24 -4.17
C8 MGD E . -11.86 10.06 -3.43
N7 MGD E . -12.81 9.45 -4.15
C5 MGD E . -12.26 9.23 -5.39
C6 MGD E . -12.71 8.62 -6.66
O6 MGD E . -13.87 8.14 -6.74
N1 MGD E . -11.83 8.59 -7.72
C2 MGD E . -10.60 9.12 -7.65
N2 MGD E . -9.77 9.07 -8.70
N3 MGD E . -10.14 9.69 -6.51
C4 MGD E . -10.90 9.75 -5.39
C10 MGD E . -2.29 7.52 0.58
C11 MGD E . -0.92 7.01 0.93
O11 MGD E . -0.31 8.04 1.70
C12 MGD E . -0.96 5.69 1.65
S12 MGD E . -1.88 4.38 1.03
C13 MGD E . -0.22 5.51 2.76
S13 MGD E . -0.20 4.00 3.55
C14 MGD E . 0.65 6.62 3.30
N15 MGD E . 0.00 7.25 4.44
C16 MGD E . 0.23 8.56 4.71
C17 MGD E . -0.32 9.20 5.88
O17 MGD E . -1.04 8.48 6.63
N18 MGD E . -0.04 10.50 6.09
C19 MGD E . 0.72 11.23 5.23
N19 MGD E . 0.99 12.55 5.46
N20 MGD E . 1.30 10.67 4.15
C21 MGD E . 1.08 9.38 3.83
N22 MGD E . 1.61 8.81 2.72
C23 MGD E . 0.93 7.63 2.21
UNK UNX F . 0.03 1.04 1.78
CL LCP G . -0.76 -6.32 -1.71
O1 LCP G . 0.52 -6.84 -0.54
O2 LCP G . -1.11 -7.61 -2.97
O3 LCP G . -2.24 -5.88 -0.71
O4 LCP G . -0.24 -4.77 -2.53
CL LCP H . -4.43 -9.75 -5.88
O1 LCP H . -3.33 -9.01 -4.59
O2 LCP H . -3.45 -10.71 -7.08
O3 LCP H . -5.68 -10.85 -5.12
O4 LCP H . -5.38 -8.47 -6.78
CL LCP I . 2.37 -10.74 -6.78
O1 LCP I . 4.19 -10.55 -6.60
O2 LCP I . 1.95 -12.48 -7.22
O3 LCP I . 1.64 -10.11 -5.22
O4 LCP I . 1.69 -9.73 -8.13
CL LCP J . -4.52 -15.27 28.94
O1 LCP J . -3.90 -13.75 29.72
O2 LCP J . -4.61 -14.98 27.14
O3 LCP J . -6.20 -15.70 29.57
O4 LCP J . -3.40 -16.63 29.39
#